data_4RU0
#
_entry.id   4RU0
#
_cell.length_a   99.181
_cell.length_b   99.181
_cell.length_c   104.959
_cell.angle_alpha   90.00
_cell.angle_beta   90.00
_cell.angle_gamma   120.00
#
_symmetry.space_group_name_H-M   'P 32'
#
loop_
_entity.id
_entity.type
_entity.pdbx_description
1 polymer 'Putative branched-chain amino acid ABC transporter, periplasmic branched-chain amino acid-binding protein'
2 non-polymer 3,6,9,12,15-PENTAOXAHEPTADECANE
3 non-polymer GLYCEROL
4 water water
#
_entity_poly.entity_id   1
_entity_poly.type   'polypeptide(L)'
_entity_poly.pdbx_seq_one_letter_code
;SNA(MSE)RASLKASLAGAALLLAAAVAPAAQAGPDQQFFPLATYRVGAYASSGVQVWAG(MSE)IDYLNYINQVEGGIN
GVKLVWQECETEWTAEKGIECYERFKNGLDGAPVAVYQPNGAPAAYALSERAEVDKIPLITLGYGRTEATDGTVFPYNFP
V(MSE)LTFYSEASTLVNYIAQREGGFDRLKGKKIATLYHDSAYGRETLGPLKLLAEKYGFENIQIPVADPGNEQSAQWR
QIRQQNPDWVFLRTWGVSTPVAVKTAARFGFPVDHIIGDIWASSSEDVLPAGAAAKGYLALTPYPAGSDFEIHKRLKQYI
LDTGKSDLKDLKNFGSVYYNSGLVNAAVAVEAIRTAQGKFGKRPLNGEEGRWGLEHLNIDDARLKD(MSE)GYLGL
(MSE)QNLKLSCRDHEGGGAARVQQWDGANWTLISEWIAADRALLRPLIDEKAAAFAKEKRLVPRTCNEGD
;
_entity_poly.pdbx_strand_id   A,B
#
# COMPACT_ATOMS: atom_id res chain seq x y z
N GLY A 30 -36.15 -47.11 -1.85
CA GLY A 30 -36.11 -45.84 -1.14
C GLY A 30 -35.23 -45.88 0.12
N PRO A 31 -35.32 -46.96 0.94
CA PRO A 31 -34.29 -47.08 1.97
C PRO A 31 -32.88 -47.26 1.39
N ASP A 32 -32.79 -47.82 0.18
CA ASP A 32 -31.51 -48.06 -0.49
C ASP A 32 -30.79 -46.76 -0.87
N GLN A 33 -31.55 -45.67 -0.86
CA GLN A 33 -31.01 -44.36 -1.21
C GLN A 33 -30.52 -43.62 0.03
N GLN A 34 -29.65 -42.63 -0.16
CA GLN A 34 -29.18 -41.76 0.92
C GLN A 34 -30.00 -40.49 0.96
N PHE A 35 -30.62 -40.21 2.10
CA PHE A 35 -31.51 -39.05 2.20
C PHE A 35 -30.74 -37.74 2.41
N PHE A 36 -31.14 -36.74 1.65
CA PHE A 36 -30.52 -35.42 1.72
C PHE A 36 -31.59 -34.38 2.04
N PRO A 37 -31.81 -34.10 3.33
CA PRO A 37 -32.86 -33.17 3.74
C PRO A 37 -32.56 -31.75 3.24
N LEU A 38 -33.59 -31.07 2.74
CA LEU A 38 -33.43 -29.71 2.24
C LEU A 38 -34.38 -28.75 2.94
N ALA A 39 -33.81 -27.95 3.85
CA ALA A 39 -34.58 -26.94 4.57
C ALA A 39 -34.53 -25.62 3.81
N THR A 40 -35.61 -25.28 3.13
CA THR A 40 -35.60 -24.16 2.19
C THR A 40 -36.73 -23.17 2.44
N TYR A 41 -36.54 -21.94 1.98
CA TYR A 41 -37.61 -20.96 1.97
C TYR A 41 -37.91 -20.50 0.54
N ARG A 42 -39.19 -20.57 0.17
CA ARG A 42 -39.63 -20.11 -1.15
C ARG A 42 -40.76 -19.11 -1.00
N VAL A 43 -41.02 -18.70 0.23
CA VAL A 43 -42.04 -17.71 0.53
C VAL A 43 -41.42 -16.58 1.32
N GLY A 44 -41.86 -15.35 1.06
CA GLY A 44 -41.36 -14.21 1.82
C GLY A 44 -40.35 -13.38 1.08
N ALA A 45 -39.77 -12.40 1.79
CA ALA A 45 -38.90 -11.40 1.19
C ALA A 45 -37.58 -11.99 0.68
N TYR A 46 -37.13 -13.07 1.30
CA TYR A 46 -35.83 -13.63 0.96
C TYR A 46 -35.95 -14.77 -0.04
N ALA A 47 -37.17 -15.00 -0.51
CA ALA A 47 -37.43 -16.09 -1.44
C ALA A 47 -36.66 -15.91 -2.75
N SER A 48 -36.60 -14.67 -3.22
CA SER A 48 -35.92 -14.35 -4.48
C SER A 48 -34.47 -14.81 -4.49
N SER A 49 -33.78 -14.59 -3.38
CA SER A 49 -32.38 -14.99 -3.25
C SER A 49 -32.28 -16.48 -2.89
N GLY A 50 -33.15 -16.92 -1.99
CA GLY A 50 -33.14 -18.30 -1.54
C GLY A 50 -33.26 -19.33 -2.64
N VAL A 51 -34.14 -19.08 -3.61
CA VAL A 51 -34.40 -20.05 -4.66
C VAL A 51 -33.16 -20.31 -5.51
N GLN A 52 -32.27 -19.33 -5.55
CA GLN A 52 -31.01 -19.48 -6.27
C GLN A 52 -30.08 -20.43 -5.52
N VAL A 53 -30.08 -20.34 -4.19
CA VAL A 53 -29.30 -21.24 -3.37
C VAL A 53 -29.77 -22.69 -3.48
N TRP A 54 -31.08 -22.90 -3.34
CA TRP A 54 -31.63 -24.26 -3.38
C TRP A 54 -31.38 -24.90 -4.73
N ALA A 55 -31.53 -24.11 -5.80
CA ALA A 55 -31.32 -24.58 -7.16
C ALA A 55 -29.88 -25.06 -7.35
N GLY A 56 -28.95 -24.43 -6.64
CA GLY A 56 -27.57 -24.84 -6.67
C GLY A 56 -27.37 -26.20 -6.01
N ILE A 58 -29.74 -28.43 -5.46
CA ILE A 58 -30.44 -29.45 -6.20
C ILE A 58 -29.71 -29.89 -7.46
N ASP A 59 -29.22 -28.94 -8.25
CA ASP A 59 -28.59 -29.29 -9.51
C ASP A 59 -27.35 -30.11 -9.25
N TYR A 60 -26.59 -29.76 -8.24
CA TYR A 60 -25.41 -30.55 -7.92
C TYR A 60 -25.78 -31.97 -7.47
N LEU A 61 -26.88 -32.08 -6.73
CA LEU A 61 -27.34 -33.40 -6.28
C LEU A 61 -27.84 -34.20 -7.47
N ASN A 62 -28.55 -33.52 -8.38
CA ASN A 62 -29.03 -34.13 -9.60
C ASN A 62 -27.87 -34.67 -10.43
N TYR A 63 -26.85 -33.82 -10.58
CA TYR A 63 -25.64 -34.16 -11.31
C TYR A 63 -24.96 -35.42 -10.77
N ILE A 64 -24.79 -35.48 -9.46
CA ILE A 64 -24.13 -36.62 -8.81
C ILE A 64 -24.85 -37.94 -9.11
N ASN A 65 -26.18 -37.89 -9.12
CA ASN A 65 -26.98 -39.09 -9.37
C ASN A 65 -26.89 -39.56 -10.82
N GLN A 66 -27.09 -38.63 -11.75
CA GLN A 66 -27.22 -39.00 -13.15
C GLN A 66 -25.89 -39.18 -13.87
N VAL A 67 -24.86 -38.45 -13.44
CA VAL A 67 -23.57 -38.48 -14.13
C VAL A 67 -22.54 -39.41 -13.46
N GLU A 68 -22.55 -39.49 -12.13
CA GLU A 68 -21.64 -40.39 -11.44
C GLU A 68 -22.36 -41.60 -10.83
N GLY A 69 -23.64 -41.75 -11.14
CA GLY A 69 -24.42 -42.85 -10.61
C GLY A 69 -24.56 -42.77 -9.10
N GLY A 70 -24.66 -41.55 -8.59
CA GLY A 70 -24.75 -41.32 -7.16
C GLY A 70 -23.37 -41.33 -6.53
N ILE A 71 -23.33 -41.44 -5.21
CA ILE A 71 -22.07 -41.46 -4.48
C ILE A 71 -21.58 -42.88 -4.32
N ASN A 72 -20.54 -43.23 -5.09
CA ASN A 72 -19.98 -44.59 -5.09
C ASN A 72 -21.05 -45.65 -5.26
N GLY A 73 -22.03 -45.38 -6.11
CA GLY A 73 -23.11 -46.32 -6.38
C GLY A 73 -24.39 -46.04 -5.63
N VAL A 74 -24.28 -45.31 -4.52
CA VAL A 74 -25.43 -44.99 -3.69
C VAL A 74 -26.18 -43.77 -4.21
N LYS A 75 -27.43 -43.97 -4.61
CA LYS A 75 -28.25 -42.89 -5.15
C LYS A 75 -28.69 -41.92 -4.06
N LEU A 76 -28.94 -40.68 -4.45
CA LEU A 76 -29.32 -39.63 -3.52
C LEU A 76 -30.79 -39.27 -3.69
N VAL A 77 -31.52 -39.21 -2.58
CA VAL A 77 -32.91 -38.77 -2.63
C VAL A 77 -33.07 -37.55 -1.71
N TRP A 78 -33.82 -36.56 -2.18
CA TRP A 78 -34.00 -35.35 -1.40
C TRP A 78 -35.45 -34.88 -1.40
N GLN A 79 -35.80 -34.07 -0.39
CA GLN A 79 -37.12 -33.48 -0.30
C GLN A 79 -37.03 -32.12 0.38
N GLU A 80 -37.88 -31.21 -0.03
CA GLU A 80 -37.88 -29.86 0.52
C GLU A 80 -38.95 -29.68 1.60
N CYS A 81 -38.58 -28.95 2.64
CA CYS A 81 -39.54 -28.53 3.65
C CYS A 81 -39.46 -27.01 3.80
N GLU A 82 -40.61 -26.35 3.76
CA GLU A 82 -40.66 -24.89 3.83
C GLU A 82 -40.39 -24.38 5.24
N THR A 83 -39.35 -23.56 5.39
CA THR A 83 -38.98 -23.05 6.70
C THR A 83 -39.37 -21.57 6.86
N GLU A 84 -39.69 -20.93 5.74
CA GLU A 84 -40.07 -19.53 5.70
C GLU A 84 -39.07 -18.63 6.42
N TRP A 85 -37.80 -19.07 6.45
CA TRP A 85 -36.70 -18.29 7.03
C TRP A 85 -36.85 -18.06 8.54
N THR A 86 -37.77 -18.80 9.17
CA THR A 86 -37.99 -18.66 10.62
C THR A 86 -37.48 -19.86 11.41
N ALA A 87 -37.22 -19.63 12.69
CA ALA A 87 -36.74 -20.69 13.58
C ALA A 87 -37.84 -21.69 13.89
N GLU A 88 -39.05 -21.20 14.06
CA GLU A 88 -40.18 -22.03 14.43
C GLU A 88 -40.42 -23.15 13.41
N LYS A 89 -40.43 -22.78 12.14
CA LYS A 89 -40.68 -23.77 11.09
C LYS A 89 -39.41 -24.56 10.79
N GLY A 90 -38.26 -23.90 10.89
CA GLY A 90 -36.98 -24.58 10.76
C GLY A 90 -36.90 -25.78 11.69
N ILE A 91 -37.30 -25.58 12.94
CA ILE A 91 -37.33 -26.62 13.94
C ILE A 91 -38.29 -27.75 13.56
N GLU A 92 -39.47 -27.39 13.08
CA GLU A 92 -40.45 -28.39 12.64
C GLU A 92 -39.93 -29.21 11.46
N CYS A 93 -39.17 -28.56 10.58
CA CYS A 93 -38.60 -29.26 9.43
C CYS A 93 -37.57 -30.29 9.88
N TYR A 94 -36.72 -29.89 10.82
CA TYR A 94 -35.72 -30.77 11.38
C TYR A 94 -36.37 -31.99 12.01
N GLU A 95 -37.44 -31.77 12.78
CA GLU A 95 -38.12 -32.86 13.45
C GLU A 95 -38.82 -33.77 12.47
N ARG A 96 -39.27 -33.21 11.35
CA ARG A 96 -39.89 -34.02 10.31
C ARG A 96 -38.85 -34.90 9.61
N PHE A 97 -37.64 -34.36 9.46
CA PHE A 97 -36.61 -35.02 8.67
C PHE A 97 -35.65 -35.90 9.47
N LYS A 98 -35.49 -35.63 10.75
CA LYS A 98 -34.44 -36.28 11.54
C LYS A 98 -34.53 -37.81 11.55
N ASN A 99 -35.69 -38.36 11.20
CA ASN A 99 -35.86 -39.80 11.19
C ASN A 99 -35.73 -40.42 9.81
N GLY A 100 -35.57 -39.57 8.80
CA GLY A 100 -35.38 -40.03 7.43
C GLY A 100 -36.59 -39.80 6.55
N LEU A 101 -36.52 -40.25 5.30
CA LEU A 101 -37.63 -40.15 4.37
C LEU A 101 -37.93 -41.49 3.71
N ASP A 102 -39.06 -42.11 4.10
CA ASP A 102 -39.51 -43.37 3.54
C ASP A 102 -38.43 -44.44 3.60
N GLY A 103 -37.70 -44.50 4.70
CA GLY A 103 -36.64 -45.47 4.89
C GLY A 103 -35.22 -44.92 4.81
N ALA A 104 -35.00 -43.97 3.90
CA ALA A 104 -33.67 -43.40 3.68
C ALA A 104 -33.24 -42.51 4.85
N PRO A 105 -32.08 -42.81 5.46
CA PRO A 105 -31.58 -42.12 6.65
C PRO A 105 -30.84 -40.81 6.37
N VAL A 106 -30.70 -39.98 7.41
CA VAL A 106 -29.99 -38.71 7.32
C VAL A 106 -28.53 -38.88 7.73
N ALA A 107 -27.61 -38.33 6.94
CA ALA A 107 -26.21 -38.35 7.30
C ALA A 107 -25.77 -37.02 7.90
N VAL A 108 -26.17 -35.94 7.23
CA VAL A 108 -25.85 -34.58 7.66
C VAL A 108 -27.06 -33.68 7.47
N TYR A 109 -27.14 -32.62 8.27
CA TYR A 109 -28.27 -31.72 8.18
C TYR A 109 -27.85 -30.24 8.08
N GLN A 110 -28.43 -29.54 7.11
CA GLN A 110 -28.14 -28.12 6.88
C GLN A 110 -29.40 -27.28 7.03
N PRO A 111 -29.56 -26.63 8.19
CA PRO A 111 -30.78 -25.85 8.46
C PRO A 111 -30.95 -24.65 7.53
N ASN A 112 -29.86 -24.16 6.95
CA ASN A 112 -29.92 -22.99 6.06
C ASN A 112 -30.61 -21.80 6.72
N GLY A 113 -30.13 -21.43 7.90
CA GLY A 113 -30.79 -20.42 8.70
C GLY A 113 -30.18 -20.30 10.09
N ALA A 114 -29.68 -19.12 10.39
CA ALA A 114 -28.99 -18.87 11.66
C ALA A 114 -29.88 -19.09 12.90
N PRO A 115 -31.10 -18.49 12.93
CA PRO A 115 -31.94 -18.71 14.12
C PRO A 115 -32.35 -20.18 14.32
N ALA A 116 -32.65 -20.87 13.23
CA ALA A 116 -32.98 -22.29 13.30
C ALA A 116 -31.77 -23.08 13.77
N ALA A 117 -30.60 -22.79 13.19
CA ALA A 117 -29.39 -23.53 13.52
C ALA A 117 -29.02 -23.36 14.98
N TYR A 118 -29.12 -22.13 15.49
CA TYR A 118 -28.82 -21.85 16.89
C TYR A 118 -29.73 -22.67 17.81
N ALA A 119 -31.02 -22.68 17.51
CA ALA A 119 -32.01 -23.35 18.35
C ALA A 119 -31.87 -24.87 18.31
N LEU A 120 -31.36 -25.39 17.21
CA LEU A 120 -31.31 -26.84 17.00
C LEU A 120 -30.08 -27.52 17.60
N SER A 121 -29.08 -26.71 17.96
CA SER A 121 -27.78 -27.21 18.35
C SER A 121 -27.81 -28.29 19.44
N GLU A 122 -28.57 -28.05 20.51
CA GLU A 122 -28.55 -28.95 21.65
C GLU A 122 -29.28 -30.25 21.33
N ARG A 123 -30.40 -30.17 20.63
CA ARG A 123 -31.16 -31.39 20.37
C ARG A 123 -30.56 -32.16 19.20
N ALA A 124 -29.73 -31.49 18.39
CA ALA A 124 -28.99 -32.17 17.34
C ALA A 124 -27.92 -33.09 17.93
N GLU A 125 -27.32 -32.64 19.03
CA GLU A 125 -26.32 -33.44 19.73
C GLU A 125 -26.95 -34.70 20.32
N VAL A 126 -28.12 -34.54 20.94
CA VAL A 126 -28.84 -35.67 21.52
C VAL A 126 -29.25 -36.69 20.46
N ASP A 127 -29.65 -36.19 19.29
CA ASP A 127 -30.12 -37.07 18.21
C ASP A 127 -28.98 -37.62 17.38
N LYS A 128 -27.76 -37.21 17.72
CA LYS A 128 -26.56 -37.56 16.96
C LYS A 128 -26.71 -37.25 15.47
N ILE A 129 -27.10 -36.02 15.18
CA ILE A 129 -27.21 -35.54 13.80
C ILE A 129 -26.35 -34.29 13.60
N PRO A 130 -25.35 -34.39 12.71
CA PRO A 130 -24.43 -33.27 12.47
C PRO A 130 -25.16 -32.08 11.85
N LEU A 131 -25.03 -30.92 12.47
CA LEU A 131 -25.53 -29.69 11.88
C LEU A 131 -24.41 -29.03 11.11
N ILE A 132 -24.65 -28.76 9.83
CA ILE A 132 -23.70 -28.01 9.03
C ILE A 132 -24.23 -26.59 8.83
N THR A 133 -23.43 -25.62 9.26
CA THR A 133 -23.65 -24.22 8.94
C THR A 133 -22.44 -23.63 8.23
N LEU A 134 -22.56 -23.43 6.93
CA LEU A 134 -21.43 -22.98 6.15
C LEU A 134 -21.32 -21.47 6.25
N GLY A 135 -20.19 -21.01 6.74
CA GLY A 135 -19.95 -19.59 6.93
C GLY A 135 -20.83 -18.86 7.93
N TYR A 136 -21.34 -19.57 8.91
CA TYR A 136 -22.21 -18.96 9.89
C TYR A 136 -22.30 -19.88 11.10
N GLY A 137 -23.07 -19.49 12.10
CA GLY A 137 -23.27 -20.35 13.26
C GLY A 137 -22.31 -20.07 14.40
N ARG A 138 -22.27 -20.98 15.37
CA ARG A 138 -21.44 -20.80 16.56
C ARG A 138 -19.95 -20.94 16.25
N THR A 139 -19.19 -19.87 16.46
CA THR A 139 -17.77 -19.95 16.18
C THR A 139 -17.06 -20.93 17.13
N GLU A 140 -17.53 -21.00 18.37
CA GLU A 140 -16.92 -21.90 19.34
C GLU A 140 -17.16 -23.37 18.96
N ALA A 141 -18.06 -23.62 18.03
CA ALA A 141 -18.29 -24.99 17.57
C ALA A 141 -17.15 -25.46 16.66
N THR A 142 -16.16 -24.60 16.46
CA THR A 142 -14.92 -25.01 15.82
C THR A 142 -14.30 -26.14 16.64
N ASP A 143 -14.38 -26.01 17.96
CA ASP A 143 -13.88 -27.04 18.88
C ASP A 143 -14.88 -28.18 18.98
N GLY A 144 -14.69 -29.20 18.15
CA GLY A 144 -15.59 -30.33 18.13
C GLY A 144 -15.52 -31.23 19.35
N THR A 145 -14.61 -30.95 20.28
CA THR A 145 -14.56 -31.72 21.52
C THR A 145 -15.69 -31.27 22.43
N VAL A 146 -16.20 -30.06 22.19
CA VAL A 146 -17.30 -29.52 22.96
C VAL A 146 -18.58 -29.55 22.12
N PHE A 147 -18.41 -29.50 20.80
CA PHE A 147 -19.54 -29.52 19.87
C PHE A 147 -19.47 -30.68 18.88
N PRO A 148 -19.72 -31.90 19.35
CA PRO A 148 -19.59 -33.11 18.53
C PRO A 148 -20.39 -33.07 17.23
N TYR A 149 -21.60 -32.51 17.27
CA TYR A 149 -22.48 -32.55 16.12
C TYR A 149 -22.84 -31.17 15.56
N ASN A 150 -21.98 -30.19 15.80
CA ASN A 150 -22.16 -28.86 15.24
C ASN A 150 -20.92 -28.46 14.42
N PHE A 151 -21.14 -28.16 13.13
CA PHE A 151 -20.03 -27.90 12.21
C PHE A 151 -20.14 -26.55 11.48
N PRO A 152 -19.49 -25.53 11.99
CA PRO A 152 -19.46 -24.26 11.27
C PRO A 152 -18.36 -24.29 10.22
N VAL A 153 -18.64 -25.00 9.14
CA VAL A 153 -17.66 -25.36 8.13
C VAL A 153 -17.11 -24.24 7.24
N LEU A 155 -15.60 -21.37 6.96
CA LEU A 155 -15.22 -20.09 7.49
C LEU A 155 -16.05 -19.64 8.68
N THR A 156 -15.41 -19.43 9.80
CA THR A 156 -16.06 -18.77 10.92
C THR A 156 -15.74 -17.28 10.87
N PHE A 157 -16.58 -16.49 11.51
CA PHE A 157 -16.34 -15.06 11.59
C PHE A 157 -15.01 -14.72 12.26
N TYR A 158 -14.53 -15.60 13.14
CA TYR A 158 -13.21 -15.37 13.74
C TYR A 158 -12.13 -15.46 12.67
N SER A 159 -12.15 -16.53 11.89
CA SER A 159 -11.21 -16.69 10.79
C SER A 159 -11.36 -15.58 9.76
N GLU A 160 -12.60 -15.15 9.52
CA GLU A 160 -12.87 -14.12 8.54
C GLU A 160 -12.14 -12.83 8.92
N ALA A 161 -12.17 -12.50 10.21
CA ALA A 161 -11.45 -11.35 10.72
C ALA A 161 -9.97 -11.45 10.36
N SER A 162 -9.39 -12.62 10.62
CA SER A 162 -7.98 -12.83 10.31
C SER A 162 -7.67 -12.65 8.82
N THR A 163 -8.47 -13.28 7.95
CA THR A 163 -8.28 -13.14 6.52
C THR A 163 -8.45 -11.69 6.06
N LEU A 164 -9.42 -11.00 6.66
CA LEU A 164 -9.63 -9.58 6.38
C LEU A 164 -8.35 -8.80 6.66
N VAL A 165 -7.77 -9.03 7.83
CA VAL A 165 -6.55 -8.35 8.23
C VAL A 165 -5.36 -8.78 7.35
N ASN A 166 -5.31 -10.06 7.00
CA ASN A 166 -4.22 -10.55 6.17
C ASN A 166 -4.25 -9.99 4.77
N TYR A 167 -5.46 -9.71 4.26
CA TYR A 167 -5.59 -9.09 2.96
C TYR A 167 -5.17 -7.62 3.02
N ILE A 168 -5.58 -6.93 4.08
CA ILE A 168 -5.16 -5.55 4.31
C ILE A 168 -3.64 -5.47 4.28
N ALA A 169 -2.98 -6.37 5.03
CA ALA A 169 -1.53 -6.42 5.14
C ALA A 169 -0.88 -6.67 3.78
N GLN A 170 -1.51 -7.53 2.99
CA GLN A 170 -1.02 -7.80 1.64
C GLN A 170 -1.13 -6.53 0.81
N ARG A 171 -2.19 -5.77 1.02
CA ARG A 171 -2.42 -4.52 0.31
C ARG A 171 -1.52 -3.37 0.79
N GLU A 172 -1.11 -3.42 2.05
CA GLU A 172 -0.27 -2.36 2.62
C GLU A 172 1.22 -2.63 2.44
N GLY A 173 1.57 -3.84 2.02
CA GLY A 173 2.95 -4.21 1.76
C GLY A 173 3.62 -5.02 2.85
N GLY A 174 2.82 -5.59 3.75
CA GLY A 174 3.35 -6.43 4.80
C GLY A 174 2.76 -6.09 6.15
N PHE A 175 2.87 -7.02 7.09
CA PHE A 175 2.29 -6.86 8.41
C PHE A 175 2.91 -5.71 9.19
N ASP A 176 4.16 -5.36 8.84
CA ASP A 176 4.84 -4.23 9.46
C ASP A 176 4.11 -2.92 9.18
N ARG A 177 3.53 -2.84 7.98
CA ARG A 177 2.83 -1.64 7.53
C ARG A 177 1.47 -1.42 8.22
N LEU A 178 0.99 -2.39 8.98
CA LEU A 178 -0.30 -2.24 9.66
C LEU A 178 -0.17 -1.28 10.84
N LYS A 179 1.01 -1.27 11.45
CA LYS A 179 1.30 -0.29 12.50
C LYS A 179 1.09 1.10 11.92
N GLY A 180 0.26 1.91 12.58
CA GLY A 180 -0.01 3.24 12.08
C GLY A 180 -1.20 3.34 11.13
N LYS A 181 -1.91 2.23 10.94
CA LYS A 181 -3.07 2.22 10.08
C LYS A 181 -4.36 2.22 10.90
N LYS A 182 -5.44 2.71 10.31
CA LYS A 182 -6.74 2.65 10.96
C LYS A 182 -7.67 1.72 10.20
N ILE A 183 -8.32 0.82 10.93
CA ILE A 183 -9.28 -0.08 10.33
C ILE A 183 -10.59 0.04 11.10
N ALA A 184 -11.63 0.53 10.44
CA ALA A 184 -12.92 0.69 11.09
C ALA A 184 -13.85 -0.46 10.73
N THR A 185 -14.49 -1.03 11.74
CA THR A 185 -15.48 -2.07 11.51
C THR A 185 -16.87 -1.49 11.77
N LEU A 186 -17.66 -1.42 10.70
CA LEU A 186 -19.04 -0.98 10.77
C LEU A 186 -19.96 -2.20 10.82
N TYR A 187 -20.53 -2.49 11.99
CA TYR A 187 -21.24 -3.76 12.16
C TYR A 187 -22.69 -3.59 12.61
N HIS A 188 -23.55 -4.39 12.01
CA HIS A 188 -24.93 -4.55 12.45
C HIS A 188 -24.91 -4.92 13.92
N ASP A 189 -25.62 -4.16 14.74
CA ASP A 189 -25.60 -4.43 16.18
C ASP A 189 -26.43 -5.67 16.48
N SER A 190 -25.75 -6.81 16.42
CA SER A 190 -26.36 -8.12 16.62
C SER A 190 -25.25 -9.11 16.95
N ALA A 191 -25.60 -10.35 17.30
CA ALA A 191 -24.61 -11.37 17.57
C ALA A 191 -23.71 -11.53 16.36
N TYR A 192 -24.31 -11.51 15.19
CA TYR A 192 -23.58 -11.56 13.92
C TYR A 192 -22.54 -10.43 13.81
N GLY A 193 -22.92 -9.22 14.21
CA GLY A 193 -22.03 -8.09 14.05
C GLY A 193 -20.97 -7.99 15.14
N ARG A 194 -21.32 -8.49 16.32
CA ARG A 194 -20.42 -8.42 17.47
C ARG A 194 -19.39 -9.56 17.49
N GLU A 195 -19.56 -10.56 16.63
CA GLU A 195 -18.70 -11.75 16.65
C GLU A 195 -17.24 -11.42 16.43
N THR A 196 -16.96 -10.39 15.63
CA THR A 196 -15.60 -10.08 15.25
C THR A 196 -14.91 -9.16 16.26
N LEU A 197 -15.60 -8.80 17.33
CA LEU A 197 -15.01 -7.92 18.36
C LEU A 197 -13.76 -8.55 18.99
N GLY A 198 -13.89 -9.78 19.46
CA GLY A 198 -12.76 -10.50 20.03
C GLY A 198 -11.55 -10.59 19.13
N PRO A 199 -11.68 -11.24 17.96
CA PRO A 199 -10.51 -11.45 17.10
C PRO A 199 -9.87 -10.15 16.60
N LEU A 200 -10.68 -9.15 16.30
CA LEU A 200 -10.13 -7.88 15.81
C LEU A 200 -9.32 -7.18 16.89
N LYS A 201 -9.75 -7.33 18.15
CA LYS A 201 -9.00 -6.74 19.26
C LYS A 201 -7.64 -7.43 19.42
N LEU A 202 -7.65 -8.75 19.33
CA LEU A 202 -6.42 -9.53 19.39
C LEU A 202 -5.45 -9.14 18.25
N LEU A 203 -5.95 -9.13 17.02
CA LEU A 203 -5.15 -8.78 15.86
C LEU A 203 -4.62 -7.35 15.94
N ALA A 204 -5.41 -6.46 16.55
CA ALA A 204 -4.98 -5.07 16.69
C ALA A 204 -3.86 -4.93 17.73
N GLU A 205 -3.90 -5.76 18.77
CA GLU A 205 -2.83 -5.77 19.76
C GLU A 205 -1.52 -6.28 19.17
N LYS A 206 -1.62 -7.31 18.34
CA LYS A 206 -0.43 -7.90 17.73
C LYS A 206 0.21 -6.99 16.69
N TYR A 207 -0.60 -6.46 15.78
CA TYR A 207 -0.04 -5.74 14.63
C TYR A 207 -0.10 -4.22 14.78
N GLY A 208 -0.81 -3.75 15.81
CA GLY A 208 -0.77 -2.35 16.17
C GLY A 208 -1.56 -1.38 15.31
N PHE A 209 -2.54 -1.87 14.56
CA PHE A 209 -3.42 -0.95 13.84
C PHE A 209 -4.51 -0.46 14.78
N GLU A 210 -5.03 0.74 14.53
CA GLU A 210 -6.11 1.27 15.34
C GLU A 210 -7.41 0.52 15.05
N ASN A 211 -7.96 -0.09 16.08
CA ASN A 211 -9.19 -0.89 15.95
C ASN A 211 -10.44 -0.08 16.28
N ILE A 212 -11.09 0.44 15.25
CA ILE A 212 -12.27 1.26 15.43
C ILE A 212 -13.54 0.42 15.24
N GLN A 213 -14.36 0.34 16.28
CA GLN A 213 -15.58 -0.45 16.25
C GLN A 213 -16.84 0.42 16.28
N ILE A 214 -17.62 0.35 15.22
CA ILE A 214 -18.78 1.24 15.08
C ILE A 214 -20.09 0.47 14.85
N PRO A 215 -20.95 0.43 15.87
CA PRO A 215 -22.23 -0.30 15.78
C PRO A 215 -23.29 0.43 14.96
N VAL A 216 -24.14 -0.34 14.31
CA VAL A 216 -25.31 0.21 13.62
C VAL A 216 -26.57 -0.46 14.13
N ALA A 217 -27.43 0.32 14.77
CA ALA A 217 -28.65 -0.22 15.38
C ALA A 217 -29.65 -0.66 14.32
N ASP A 218 -30.39 -1.71 14.61
CA ASP A 218 -31.46 -2.18 13.74
C ASP A 218 -32.55 -1.10 13.64
N PRO A 219 -33.12 -0.90 12.45
CA PRO A 219 -32.88 -1.63 11.19
C PRO A 219 -31.66 -1.13 10.41
N GLY A 220 -31.16 0.04 10.74
CA GLY A 220 -29.96 0.56 10.09
C GLY A 220 -30.25 1.35 8.83
N ASN A 221 -31.41 2.00 8.81
CA ASN A 221 -31.77 2.89 7.70
C ASN A 221 -31.06 4.23 7.80
N GLU A 222 -30.66 4.59 9.02
CA GLU A 222 -29.99 5.86 9.28
C GLU A 222 -28.56 5.62 9.74
N GLN A 223 -27.61 6.15 8.99
CA GLN A 223 -26.21 5.89 9.32
C GLN A 223 -25.33 7.14 9.27
N SER A 224 -25.95 8.31 9.32
CA SER A 224 -25.22 9.57 9.16
C SER A 224 -24.16 9.76 10.25
N ALA A 225 -24.48 9.37 11.47
CA ALA A 225 -23.54 9.56 12.58
C ALA A 225 -22.31 8.69 12.35
N GLN A 226 -22.54 7.44 11.99
CA GLN A 226 -21.48 6.49 11.73
C GLN A 226 -20.52 6.99 10.64
N TRP A 227 -21.06 7.41 9.51
CA TRP A 227 -20.20 7.83 8.40
C TRP A 227 -19.64 9.24 8.58
N ARG A 228 -20.26 10.00 9.48
CA ARG A 228 -19.69 11.29 9.91
C ARG A 228 -18.44 11.01 10.73
N GLN A 229 -18.53 9.99 11.58
CA GLN A 229 -17.39 9.58 12.38
C GLN A 229 -16.26 9.07 11.47
N ILE A 230 -16.63 8.26 10.48
CA ILE A 230 -15.66 7.68 9.58
C ILE A 230 -14.95 8.75 8.73
N ARG A 231 -15.69 9.76 8.30
CA ARG A 231 -15.06 10.84 7.56
C ARG A 231 -14.10 11.64 8.46
N GLN A 232 -14.48 11.86 9.73
CA GLN A 232 -13.62 12.53 10.69
C GLN A 232 -12.33 11.75 10.94
N GLN A 233 -12.45 10.45 11.18
CA GLN A 233 -11.29 9.65 11.52
C GLN A 233 -10.49 9.23 10.29
N ASN A 234 -11.13 9.28 9.12
CA ASN A 234 -10.52 8.86 7.85
C ASN A 234 -9.69 7.58 7.95
N PRO A 235 -10.33 6.45 8.28
CA PRO A 235 -9.59 5.19 8.37
C PRO A 235 -9.12 4.74 6.98
N ASP A 236 -8.09 3.90 6.95
CA ASP A 236 -7.54 3.39 5.70
C ASP A 236 -8.47 2.36 5.08
N TRP A 237 -9.18 1.62 5.92
CA TRP A 237 -10.12 0.59 5.45
C TRP A 237 -11.39 0.54 6.29
N VAL A 238 -12.49 0.18 5.66
CA VAL A 238 -13.71 -0.14 6.40
C VAL A 238 -14.10 -1.60 6.18
N PHE A 239 -14.17 -2.33 7.28
CA PHE A 239 -14.67 -3.70 7.31
C PHE A 239 -16.19 -3.62 7.49
N LEU A 240 -16.94 -3.87 6.43
CA LEU A 240 -18.39 -3.66 6.47
C LEU A 240 -19.13 -4.94 6.86
N ARG A 241 -19.68 -4.95 8.06
CA ARG A 241 -20.33 -6.14 8.58
C ARG A 241 -21.74 -5.76 8.92
N THR A 242 -22.42 -5.31 7.89
CA THR A 242 -23.85 -5.04 7.93
C THR A 242 -24.60 -6.25 7.35
N TRP A 243 -25.92 -6.17 7.35
CA TRP A 243 -26.73 -7.24 6.81
C TRP A 243 -28.07 -6.69 6.36
N GLY A 244 -28.60 -7.23 5.26
CA GLY A 244 -29.86 -6.77 4.72
C GLY A 244 -29.83 -5.32 4.31
N VAL A 245 -30.77 -4.55 4.85
CA VAL A 245 -31.00 -3.17 4.42
C VAL A 245 -29.84 -2.23 4.76
N SER A 246 -29.14 -2.52 5.84
CA SER A 246 -28.07 -1.64 6.28
C SER A 246 -26.88 -1.66 5.32
N THR A 247 -26.80 -2.69 4.48
CA THR A 247 -25.66 -2.81 3.56
C THR A 247 -25.74 -1.79 2.39
N PRO A 248 -26.86 -1.76 1.63
CA PRO A 248 -26.92 -0.74 0.57
C PRO A 248 -26.90 0.68 1.13
N VAL A 249 -27.53 0.86 2.28
CA VAL A 249 -27.53 2.16 2.94
C VAL A 249 -26.11 2.58 3.31
N ALA A 250 -25.34 1.64 3.85
CA ALA A 250 -23.95 1.92 4.23
C ALA A 250 -23.15 2.45 3.04
N VAL A 251 -23.32 1.81 1.90
CA VAL A 251 -22.60 2.20 0.70
C VAL A 251 -23.07 3.56 0.20
N LYS A 252 -24.38 3.74 0.09
CA LYS A 252 -24.96 5.03 -0.31
C LYS A 252 -24.50 6.17 0.57
N THR A 253 -24.44 5.92 1.88
CA THR A 253 -24.08 6.95 2.83
C THR A 253 -22.59 7.25 2.72
N ALA A 254 -21.79 6.20 2.55
CA ALA A 254 -20.35 6.36 2.37
C ALA A 254 -20.05 7.31 1.20
N ALA A 255 -20.73 7.09 0.08
CA ALA A 255 -20.52 7.92 -1.09
C ALA A 255 -20.96 9.35 -0.81
N ARG A 256 -22.07 9.50 -0.08
CA ARG A 256 -22.55 10.80 0.33
C ARG A 256 -21.49 11.55 1.15
N PHE A 257 -20.83 10.84 2.06
CA PHE A 257 -19.82 11.45 2.91
C PHE A 257 -18.43 11.46 2.26
N GLY A 258 -18.34 10.97 1.03
CA GLY A 258 -17.11 11.05 0.28
C GLY A 258 -16.06 10.03 0.63
N PHE A 259 -16.43 8.99 1.37
CA PHE A 259 -15.47 7.93 1.68
C PHE A 259 -15.33 7.01 0.47
N PRO A 260 -14.09 6.66 0.10
CA PRO A 260 -13.85 5.88 -1.12
C PRO A 260 -14.33 4.44 -0.98
N VAL A 261 -15.24 4.05 -1.85
CA VAL A 261 -15.96 2.80 -1.74
C VAL A 261 -15.06 1.59 -1.95
N ASP A 262 -13.95 1.78 -2.67
CA ASP A 262 -13.04 0.67 -2.89
C ASP A 262 -12.06 0.51 -1.73
N HIS A 263 -12.30 1.26 -0.66
CA HIS A 263 -11.59 1.05 0.60
C HIS A 263 -12.53 0.36 1.58
N ILE A 264 -13.69 -0.07 1.07
CA ILE A 264 -14.67 -0.78 1.90
C ILE A 264 -14.68 -2.26 1.56
N ILE A 265 -14.53 -3.11 2.56
CA ILE A 265 -14.54 -4.55 2.33
C ILE A 265 -15.68 -5.20 3.10
N GLY A 266 -16.61 -5.79 2.36
CA GLY A 266 -17.77 -6.39 2.97
C GLY A 266 -17.54 -7.77 3.53
N ASP A 267 -18.27 -8.08 4.60
CA ASP A 267 -18.43 -9.42 5.13
C ASP A 267 -18.91 -10.37 4.02
N ILE A 268 -18.74 -11.67 4.22
CA ILE A 268 -19.21 -12.62 3.22
C ILE A 268 -20.73 -12.56 3.10
N TRP A 269 -21.39 -12.10 4.15
CA TRP A 269 -22.84 -11.93 4.13
C TRP A 269 -23.23 -10.53 3.69
N ALA A 270 -22.29 -9.86 3.03
CA ALA A 270 -22.56 -8.58 2.39
C ALA A 270 -21.88 -8.57 1.02
N SER A 271 -21.82 -9.74 0.41
CA SER A 271 -21.00 -9.92 -0.80
C SER A 271 -21.82 -10.26 -2.03
N SER A 272 -23.14 -10.08 -1.97
CA SER A 272 -23.99 -10.40 -3.10
C SER A 272 -24.30 -9.20 -3.98
N SER A 273 -24.72 -9.47 -5.21
CA SER A 273 -25.19 -8.45 -6.14
C SER A 273 -26.35 -7.68 -5.53
N GLU A 274 -27.24 -8.42 -4.86
CA GLU A 274 -28.44 -7.84 -4.27
C GLU A 274 -28.11 -6.93 -3.09
N ASP A 275 -26.93 -7.12 -2.51
CA ASP A 275 -26.51 -6.27 -1.40
C ASP A 275 -26.08 -4.90 -1.89
N VAL A 276 -25.70 -4.81 -3.16
CA VAL A 276 -25.08 -3.58 -3.67
C VAL A 276 -25.81 -2.97 -4.87
N LEU A 277 -26.59 -3.76 -5.60
CA LEU A 277 -27.41 -3.23 -6.69
C LEU A 277 -28.34 -2.07 -6.28
N PRO A 278 -28.98 -2.15 -5.09
CA PRO A 278 -29.84 -1.01 -4.73
C PRO A 278 -29.07 0.30 -4.52
N ALA A 279 -27.77 0.20 -4.27
CA ALA A 279 -26.95 1.38 -4.05
C ALA A 279 -26.59 2.09 -5.36
N GLY A 280 -26.90 1.46 -6.48
CA GLY A 280 -26.60 2.03 -7.78
C GLY A 280 -25.12 2.26 -7.99
N ALA A 281 -24.79 3.32 -8.71
CA ALA A 281 -23.41 3.59 -9.13
C ALA A 281 -22.52 4.05 -7.97
N ALA A 282 -23.12 4.35 -6.83
CA ALA A 282 -22.35 4.68 -5.63
C ALA A 282 -21.54 3.48 -5.12
N ALA A 283 -21.89 2.28 -5.59
CA ALA A 283 -21.25 1.06 -5.12
C ALA A 283 -20.10 0.59 -6.02
N LYS A 284 -19.78 1.37 -7.05
CA LYS A 284 -18.68 1.03 -7.95
C LYS A 284 -17.35 0.96 -7.20
N GLY A 285 -16.66 -0.17 -7.29
CA GLY A 285 -15.37 -0.32 -6.64
C GLY A 285 -15.43 -1.10 -5.34
N TYR A 286 -16.64 -1.24 -4.79
CA TYR A 286 -16.89 -1.98 -3.55
C TYR A 286 -16.22 -3.35 -3.52
N LEU A 287 -15.50 -3.63 -2.43
CA LEU A 287 -14.89 -4.95 -2.24
C LEU A 287 -15.74 -5.83 -1.32
N ALA A 288 -15.62 -7.15 -1.48
CA ALA A 288 -16.29 -8.07 -0.58
C ALA A 288 -15.52 -9.38 -0.47
N LEU A 289 -15.57 -9.99 0.72
CA LEU A 289 -14.98 -11.30 0.94
C LEU A 289 -15.98 -12.40 0.55
N THR A 290 -15.47 -13.53 0.09
CA THR A 290 -16.35 -14.65 -0.25
C THR A 290 -15.61 -15.98 -0.14
N PRO A 291 -16.32 -17.01 0.37
CA PRO A 291 -15.79 -18.37 0.36
C PRO A 291 -16.30 -19.15 -0.85
N TYR A 292 -17.20 -18.54 -1.60
CA TYR A 292 -17.72 -19.12 -2.83
C TYR A 292 -17.98 -18.06 -3.90
N PRO A 293 -16.94 -17.61 -4.58
CA PRO A 293 -16.99 -16.49 -5.54
C PRO A 293 -18.01 -16.69 -6.66
N ALA A 294 -18.66 -15.59 -7.05
CA ALA A 294 -19.55 -15.60 -8.20
C ALA A 294 -18.77 -15.98 -9.47
N GLY A 295 -19.47 -16.55 -10.44
CA GLY A 295 -18.85 -16.95 -11.69
C GLY A 295 -19.47 -18.22 -12.23
N SER A 296 -19.71 -18.27 -13.53
CA SER A 296 -20.30 -19.44 -14.16
C SER A 296 -19.32 -20.08 -15.12
N ASP A 297 -18.03 -19.83 -14.91
CA ASP A 297 -17.00 -20.32 -15.81
C ASP A 297 -16.03 -21.30 -15.15
N PHE A 298 -16.38 -21.75 -13.95
CA PHE A 298 -15.58 -22.78 -13.30
C PHE A 298 -15.83 -24.12 -13.96
N GLU A 299 -14.94 -25.08 -13.74
CA GLU A 299 -15.05 -26.38 -14.40
C GLU A 299 -16.38 -27.06 -14.11
N ILE A 300 -16.76 -27.11 -12.84
CA ILE A 300 -18.00 -27.76 -12.42
C ILE A 300 -19.22 -27.10 -13.09
N HIS A 301 -19.16 -25.78 -13.24
CA HIS A 301 -20.26 -25.02 -13.83
C HIS A 301 -20.56 -25.43 -15.27
N LYS A 302 -19.51 -25.79 -16.00
CA LYS A 302 -19.68 -26.17 -17.40
C LYS A 302 -20.24 -27.58 -17.52
N ARG A 303 -19.91 -28.45 -16.57
CA ARG A 303 -20.52 -29.78 -16.51
C ARG A 303 -22.00 -29.66 -16.25
N LEU A 304 -22.37 -28.70 -15.41
CA LEU A 304 -23.76 -28.44 -15.09
C LEU A 304 -24.53 -28.02 -16.33
N LYS A 305 -23.96 -27.09 -17.09
CA LYS A 305 -24.59 -26.64 -18.33
C LYS A 305 -24.71 -27.81 -19.31
N GLN A 306 -23.65 -28.59 -19.43
CA GLN A 306 -23.60 -29.71 -20.36
C GLN A 306 -24.64 -30.79 -20.04
N TYR A 307 -25.04 -30.92 -18.79
CA TYR A 307 -25.83 -32.06 -18.36
C TYR A 307 -27.24 -31.75 -17.85
N ILE A 308 -27.40 -30.70 -17.04
CA ILE A 308 -28.71 -30.42 -16.46
C ILE A 308 -29.33 -29.10 -16.94
N LEU A 309 -28.48 -28.15 -17.32
CA LEU A 309 -28.99 -26.87 -17.81
C LEU A 309 -29.48 -26.97 -19.25
N ASP A 310 -28.66 -27.56 -20.11
CA ASP A 310 -29.01 -27.70 -21.52
C ASP A 310 -30.18 -28.67 -21.71
N THR A 311 -30.30 -29.62 -20.78
CA THR A 311 -31.35 -30.62 -20.86
C THR A 311 -32.62 -30.16 -20.13
N GLY A 312 -32.61 -28.93 -19.66
CA GLY A 312 -33.76 -28.34 -18.99
C GLY A 312 -34.22 -29.09 -17.76
N LYS A 313 -33.26 -29.73 -17.07
CA LYS A 313 -33.58 -30.52 -15.89
C LYS A 313 -33.48 -29.70 -14.60
N SER A 314 -32.70 -28.63 -14.66
CA SER A 314 -32.30 -27.87 -13.49
C SER A 314 -33.39 -27.06 -12.78
N ASP A 315 -33.24 -26.94 -11.48
CA ASP A 315 -34.23 -26.29 -10.62
C ASP A 315 -34.34 -24.80 -10.85
N LEU A 316 -33.31 -24.21 -11.45
CA LEU A 316 -33.33 -22.77 -11.61
C LEU A 316 -34.35 -22.31 -12.63
N LYS A 317 -35.26 -21.45 -12.22
CA LYS A 317 -36.19 -20.87 -13.17
C LYS A 317 -35.51 -19.99 -14.21
N ASP A 318 -34.64 -19.10 -13.75
CA ASP A 318 -33.96 -18.12 -14.57
C ASP A 318 -32.56 -18.58 -14.72
N LEU A 319 -32.13 -18.77 -15.93
CA LEU A 319 -30.76 -19.13 -16.14
C LEU A 319 -29.88 -17.92 -15.90
N LYS A 320 -30.45 -16.72 -15.85
CA LYS A 320 -29.61 -15.54 -15.71
C LYS A 320 -28.85 -15.52 -14.38
N ASN A 321 -29.36 -16.19 -13.37
CA ASN A 321 -28.53 -16.40 -12.21
C ASN A 321 -28.04 -17.83 -12.31
N PHE A 322 -26.85 -18.06 -12.83
CA PHE A 322 -26.31 -19.39 -12.83
C PHE A 322 -24.91 -19.42 -12.26
N GLY A 323 -24.31 -18.26 -12.13
CA GLY A 323 -23.04 -18.15 -11.44
C GLY A 323 -23.17 -17.22 -10.28
N SER A 324 -24.40 -16.89 -9.91
CA SER A 324 -24.63 -15.93 -8.86
C SER A 324 -24.10 -16.48 -7.57
N VAL A 325 -23.69 -15.59 -6.68
CA VAL A 325 -23.01 -16.01 -5.46
C VAL A 325 -23.94 -16.91 -4.65
N TYR A 326 -25.22 -16.61 -4.70
CA TYR A 326 -26.22 -17.42 -4.08
C TYR A 326 -26.26 -18.83 -4.68
N TYR A 327 -26.20 -18.92 -5.99
CA TYR A 327 -26.20 -20.22 -6.65
C TYR A 327 -24.97 -21.02 -6.28
N ASN A 328 -23.85 -20.33 -6.19
CA ASN A 328 -22.58 -21.00 -5.93
C ASN A 328 -22.43 -21.44 -4.50
N SER A 329 -23.10 -20.75 -3.58
CA SER A 329 -23.11 -21.18 -2.19
C SER A 329 -23.87 -22.50 -2.10
N GLY A 330 -24.91 -22.64 -2.91
CA GLY A 330 -25.66 -23.88 -2.99
C GLY A 330 -24.78 -25.02 -3.46
N LEU A 331 -23.96 -24.73 -4.47
CA LEU A 331 -23.03 -25.73 -5.01
C LEU A 331 -22.01 -26.17 -3.97
N VAL A 332 -21.47 -25.22 -3.22
CA VAL A 332 -20.44 -25.52 -2.25
C VAL A 332 -21.04 -26.18 -1.00
N ASN A 333 -22.23 -25.72 -0.63
CA ASN A 333 -22.97 -26.31 0.49
C ASN A 333 -23.25 -27.79 0.24
N ALA A 334 -23.67 -28.11 -0.98
CA ALA A 334 -24.03 -29.48 -1.34
C ALA A 334 -22.79 -30.37 -1.48
N ALA A 335 -21.71 -29.80 -1.98
CA ALA A 335 -20.49 -30.57 -2.23
C ALA A 335 -19.84 -31.02 -0.93
N VAL A 336 -19.90 -30.17 0.09
CA VAL A 336 -19.31 -30.46 1.38
C VAL A 336 -19.96 -31.69 2.00
N ALA A 337 -21.28 -31.74 1.96
CA ALA A 337 -22.01 -32.88 2.48
C ALA A 337 -21.71 -34.13 1.67
N VAL A 338 -21.70 -33.98 0.34
CA VAL A 338 -21.40 -35.10 -0.57
C VAL A 338 -20.02 -35.71 -0.30
N GLU A 339 -19.02 -34.86 -0.14
CA GLU A 339 -17.67 -35.34 0.16
C GLU A 339 -17.58 -35.96 1.55
N ALA A 340 -18.34 -35.42 2.49
CA ALA A 340 -18.40 -35.97 3.83
C ALA A 340 -18.96 -37.39 3.80
N ILE A 341 -20.05 -37.55 3.06
CA ILE A 341 -20.67 -38.85 2.86
C ILE A 341 -19.69 -39.81 2.19
N ARG A 342 -19.10 -39.34 1.09
CA ARG A 342 -18.11 -40.11 0.35
C ARG A 342 -16.96 -40.55 1.25
N THR A 343 -16.48 -39.63 2.07
CA THR A 343 -15.37 -39.90 2.98
C THR A 343 -15.72 -41.03 3.96
N ALA A 344 -16.95 -41.02 4.45
CA ALA A 344 -17.37 -41.98 5.46
C ALA A 344 -17.61 -43.36 4.84
N GLN A 345 -18.11 -43.40 3.61
CA GLN A 345 -18.26 -44.65 2.87
C GLN A 345 -16.94 -45.39 2.76
N GLY A 346 -15.83 -44.67 2.86
CA GLY A 346 -14.51 -45.28 2.85
C GLY A 346 -14.27 -46.15 4.06
N LYS A 347 -15.12 -46.01 5.09
CA LYS A 347 -15.00 -46.83 6.28
C LYS A 347 -16.30 -47.59 6.58
N PHE A 348 -17.37 -47.27 5.85
CA PHE A 348 -18.64 -47.90 6.14
C PHE A 348 -19.30 -48.55 4.93
N GLY A 349 -18.62 -48.46 3.77
CA GLY A 349 -19.07 -49.15 2.58
C GLY A 349 -20.09 -48.38 1.77
N LYS A 350 -20.29 -48.80 0.52
CA LYS A 350 -21.23 -48.14 -0.38
C LYS A 350 -22.67 -48.36 0.07
N ARG A 351 -23.12 -47.53 1.02
CA ARG A 351 -24.47 -47.66 1.56
C ARG A 351 -24.90 -46.38 2.26
N PRO A 352 -26.23 -46.18 2.40
CA PRO A 352 -26.77 -45.09 3.22
C PRO A 352 -26.11 -45.01 4.60
N LEU A 353 -25.88 -43.80 5.08
CA LEU A 353 -25.08 -43.59 6.28
C LEU A 353 -25.84 -43.00 7.45
N ASN A 354 -25.27 -43.20 8.64
CA ASN A 354 -25.78 -42.64 9.88
C ASN A 354 -25.31 -41.22 10.11
N GLY A 355 -26.04 -40.48 10.96
CA GLY A 355 -25.58 -39.17 11.39
C GLY A 355 -24.30 -39.33 12.19
N GLU A 356 -24.23 -40.42 12.94
CA GLU A 356 -23.05 -40.75 13.73
C GLU A 356 -21.86 -41.06 12.81
N GLU A 357 -22.18 -41.66 11.67
CA GLU A 357 -21.16 -41.98 10.67
C GLU A 357 -20.90 -40.74 9.81
N GLY A 358 -21.94 -39.95 9.59
CA GLY A 358 -21.82 -38.71 8.86
C GLY A 358 -20.90 -37.75 9.60
N ARG A 359 -20.98 -37.80 10.93
CA ARG A 359 -20.12 -37.00 11.79
C ARG A 359 -18.67 -37.44 11.63
N TRP A 360 -18.46 -38.75 11.49
CA TRP A 360 -17.13 -39.29 11.30
C TRP A 360 -16.54 -38.83 9.98
N GLY A 361 -17.39 -38.79 8.96
CA GLY A 361 -16.97 -38.36 7.63
C GLY A 361 -16.53 -36.91 7.64
N LEU A 362 -17.37 -36.06 8.22
CA LEU A 362 -17.05 -34.63 8.37
C LEU A 362 -15.71 -34.43 9.06
N GLU A 363 -15.49 -35.15 10.16
CA GLU A 363 -14.26 -34.96 10.95
C GLU A 363 -13.03 -35.53 10.25
N HIS A 364 -13.24 -36.27 9.16
CA HIS A 364 -12.12 -36.82 8.42
C HIS A 364 -12.05 -36.26 7.01
N LEU A 365 -12.76 -35.16 6.77
CA LEU A 365 -12.70 -34.49 5.48
C LEU A 365 -11.27 -34.06 5.17
N ASN A 366 -10.82 -34.40 3.97
CA ASN A 366 -9.50 -33.97 3.51
C ASN A 366 -9.56 -33.68 2.01
N ILE A 367 -10.00 -32.47 1.70
CA ILE A 367 -10.12 -32.02 0.33
C ILE A 367 -8.82 -31.37 -0.15
N ASP A 368 -8.15 -32.03 -1.09
CA ASP A 368 -6.92 -31.54 -1.70
C ASP A 368 -7.19 -30.66 -2.91
N ASP A 369 -6.14 -30.05 -3.45
CA ASP A 369 -6.23 -29.38 -4.74
C ASP A 369 -6.46 -30.41 -5.84
N ALA A 370 -5.82 -31.58 -5.69
CA ALA A 370 -6.02 -32.68 -6.62
C ALA A 370 -7.48 -33.09 -6.64
N ARG A 371 -8.05 -33.21 -5.44
CA ARG A 371 -9.44 -33.60 -5.28
C ARG A 371 -10.38 -32.53 -5.84
N LEU A 372 -10.05 -31.27 -5.60
CA LEU A 372 -10.84 -30.15 -6.12
C LEU A 372 -10.85 -30.15 -7.64
N LYS A 373 -9.72 -30.53 -8.23
CA LYS A 373 -9.61 -30.61 -9.69
C LYS A 373 -10.53 -31.69 -10.24
N ASP A 374 -10.64 -32.81 -9.53
CA ASP A 374 -11.52 -33.89 -9.96
C ASP A 374 -12.97 -33.44 -10.04
N GLY A 376 -13.99 -30.49 -9.95
CA GLY A 376 -14.03 -29.24 -10.68
C GLY A 376 -14.37 -28.03 -9.83
N TYR A 377 -13.92 -28.05 -8.58
CA TYR A 377 -14.17 -26.93 -7.67
C TYR A 377 -12.90 -26.14 -7.35
N LEU A 378 -11.94 -26.15 -8.27
CA LEU A 378 -10.63 -25.57 -8.00
C LEU A 378 -10.67 -24.09 -7.62
N GLY A 379 -11.31 -23.27 -8.45
CA GLY A 379 -11.43 -21.85 -8.13
C GLY A 379 -12.60 -21.49 -7.24
N LEU A 380 -13.50 -22.45 -7.03
CA LEU A 380 -14.78 -22.17 -6.38
C LEU A 380 -14.77 -22.45 -4.88
N GLN A 382 -12.31 -23.74 -1.40
CA GLN A 382 -10.97 -23.89 -0.84
C GLN A 382 -10.69 -25.32 -0.40
N ASN A 383 -9.45 -25.58 0.02
CA ASN A 383 -9.10 -26.84 0.65
C ASN A 383 -9.81 -26.99 1.98
N LEU A 384 -10.11 -28.23 2.35
CA LEU A 384 -10.75 -28.53 3.64
C LEU A 384 -10.04 -29.67 4.33
N LYS A 385 -9.59 -29.43 5.56
CA LYS A 385 -9.04 -30.50 6.37
C LYS A 385 -9.59 -30.38 7.79
N LEU A 386 -10.60 -31.19 8.08
CA LEU A 386 -11.24 -31.15 9.39
C LEU A 386 -10.67 -32.20 10.33
N SER A 387 -11.00 -32.05 11.61
CA SER A 387 -10.63 -33.01 12.63
C SER A 387 -11.64 -32.90 13.75
N CYS A 388 -11.53 -33.79 14.74
CA CYS A 388 -12.38 -33.71 15.92
C CYS A 388 -12.14 -32.38 16.65
N ARG A 389 -10.90 -31.90 16.56
CA ARG A 389 -10.49 -30.67 17.21
C ARG A 389 -10.90 -29.43 16.39
N ASP A 390 -11.16 -29.63 15.10
CA ASP A 390 -11.40 -28.51 14.18
C ASP A 390 -12.57 -28.76 13.23
N HIS A 391 -13.73 -28.25 13.59
CA HIS A 391 -14.92 -28.43 12.76
C HIS A 391 -15.08 -27.32 11.72
N GLU A 392 -14.06 -26.48 11.58
CA GLU A 392 -14.06 -25.45 10.54
C GLU A 392 -13.32 -25.97 9.31
N GLY A 393 -12.06 -26.31 9.50
CA GLY A 393 -11.28 -27.00 8.48
C GLY A 393 -10.86 -26.19 7.26
N GLY A 394 -11.18 -24.89 7.25
CA GLY A 394 -10.85 -24.04 6.11
C GLY A 394 -10.20 -22.74 6.51
N GLY A 395 -11.02 -21.70 6.71
CA GLY A 395 -10.54 -20.43 7.18
C GLY A 395 -9.96 -19.49 6.13
N ALA A 396 -10.29 -19.73 4.86
CA ALA A 396 -9.82 -18.83 3.80
C ALA A 396 -10.97 -18.16 3.08
N ALA A 397 -10.67 -17.07 2.38
CA ALA A 397 -11.66 -16.37 1.56
C ALA A 397 -11.00 -15.68 0.40
N ARG A 398 -11.79 -15.32 -0.61
CA ARG A 398 -11.29 -14.56 -1.74
C ARG A 398 -11.95 -13.19 -1.77
N VAL A 399 -11.24 -12.21 -2.32
CA VAL A 399 -11.79 -10.87 -2.45
C VAL A 399 -12.31 -10.65 -3.87
N GLN A 400 -13.50 -10.09 -3.98
CA GLN A 400 -14.04 -9.76 -5.29
C GLN A 400 -14.53 -8.31 -5.31
N GLN A 401 -14.44 -7.67 -6.48
CA GLN A 401 -14.74 -6.25 -6.61
C GLN A 401 -15.95 -6.00 -7.51
N TRP A 402 -16.81 -5.07 -7.09
CA TRP A 402 -18.05 -4.76 -7.79
C TRP A 402 -17.90 -3.55 -8.73
N ASP A 403 -18.30 -3.68 -9.98
CA ASP A 403 -18.16 -2.57 -10.92
C ASP A 403 -19.49 -1.89 -11.24
N GLY A 404 -20.56 -2.35 -10.59
CA GLY A 404 -21.88 -1.80 -10.83
C GLY A 404 -22.77 -2.79 -11.52
N ALA A 405 -22.14 -3.82 -12.09
CA ALA A 405 -22.86 -4.83 -12.85
C ALA A 405 -22.36 -6.24 -12.55
N ASN A 406 -21.06 -6.38 -12.35
CA ASN A 406 -20.45 -7.69 -12.14
C ASN A 406 -19.38 -7.71 -11.06
N TRP A 407 -19.09 -8.92 -10.57
CA TRP A 407 -17.99 -9.12 -9.63
C TRP A 407 -16.72 -9.54 -10.39
N THR A 408 -15.58 -9.15 -9.85
CA THR A 408 -14.29 -9.54 -10.40
C THR A 408 -13.35 -10.00 -9.28
N LEU A 409 -12.86 -11.23 -9.37
CA LEU A 409 -11.90 -11.72 -8.39
C LEU A 409 -10.60 -10.93 -8.48
N ILE A 410 -10.17 -10.35 -7.36
CA ILE A 410 -8.93 -9.59 -7.34
C ILE A 410 -7.94 -10.14 -6.33
N SER A 411 -8.15 -11.37 -5.87
CA SER A 411 -7.18 -12.02 -4.99
C SER A 411 -7.25 -13.53 -5.10
N GLU A 412 -6.17 -14.18 -4.67
CA GLU A 412 -6.18 -15.62 -4.48
C GLU A 412 -6.86 -15.93 -3.15
N TRP A 413 -6.78 -17.18 -2.73
CA TRP A 413 -7.27 -17.54 -1.41
C TRP A 413 -6.36 -16.93 -0.36
N ILE A 414 -6.94 -16.13 0.52
CA ILE A 414 -6.24 -15.54 1.65
C ILE A 414 -6.51 -16.39 2.90
N ALA A 415 -5.48 -17.09 3.38
CA ALA A 415 -5.64 -17.94 4.55
C ALA A 415 -5.63 -17.13 5.86
N ALA A 416 -6.43 -17.57 6.82
CA ALA A 416 -6.46 -16.95 8.15
C ALA A 416 -5.35 -17.51 9.04
N ASP A 417 -4.95 -16.73 10.03
CA ASP A 417 -4.01 -17.21 11.03
C ASP A 417 -4.79 -17.89 12.15
N ARG A 418 -5.26 -19.10 11.88
CA ARG A 418 -6.14 -19.79 12.80
C ARG A 418 -5.43 -20.20 14.09
N ALA A 419 -4.12 -20.46 13.98
CA ALA A 419 -3.32 -20.80 15.15
C ALA A 419 -3.32 -19.63 16.14
N LEU A 420 -3.20 -18.42 15.61
CA LEU A 420 -3.19 -17.21 16.41
C LEU A 420 -4.50 -17.00 17.17
N LEU A 421 -5.62 -17.34 16.53
CA LEU A 421 -6.95 -17.14 17.11
C LEU A 421 -7.40 -18.26 18.02
N ARG A 422 -6.76 -19.42 17.89
CA ARG A 422 -7.19 -20.64 18.59
C ARG A 422 -7.40 -20.49 20.11
N PRO A 423 -6.56 -19.70 20.81
CA PRO A 423 -6.86 -19.55 22.24
C PRO A 423 -8.22 -18.91 22.54
N LEU A 424 -8.66 -18.00 21.69
CA LEU A 424 -9.99 -17.40 21.85
C LEU A 424 -11.07 -18.45 21.68
N ILE A 425 -10.88 -19.32 20.71
CA ILE A 425 -11.83 -20.40 20.47
C ILE A 425 -11.83 -21.39 21.63
N ASP A 426 -10.66 -21.86 22.03
CA ASP A 426 -10.55 -22.79 23.15
C ASP A 426 -11.23 -22.22 24.39
N GLU A 427 -10.99 -20.95 24.67
CA GLU A 427 -11.59 -20.28 25.82
C GLU A 427 -13.12 -20.27 25.74
N LYS A 428 -13.64 -19.85 24.59
CA LYS A 428 -15.07 -19.71 24.39
C LYS A 428 -15.79 -21.07 24.49
N ALA A 429 -15.21 -22.10 23.88
CA ALA A 429 -15.78 -23.44 23.91
C ALA A 429 -15.74 -24.04 25.30
N ALA A 430 -14.74 -23.65 26.10
CA ALA A 430 -14.59 -24.21 27.43
C ALA A 430 -15.59 -23.58 28.38
N ALA A 431 -15.79 -22.27 28.24
CA ALA A 431 -16.80 -21.56 29.00
C ALA A 431 -18.18 -22.19 28.75
N PHE A 432 -18.46 -22.49 27.49
CA PHE A 432 -19.70 -23.15 27.10
C PHE A 432 -19.81 -24.54 27.74
N ALA A 433 -18.73 -25.32 27.66
CA ALA A 433 -18.73 -26.66 28.22
C ALA A 433 -18.96 -26.62 29.73
N LYS A 434 -18.44 -25.57 30.37
CA LYS A 434 -18.61 -25.37 31.79
C LYS A 434 -20.07 -25.00 32.09
N GLU A 435 -20.59 -24.05 31.33
CA GLU A 435 -21.96 -23.56 31.53
C GLU A 435 -22.99 -24.66 31.31
N LYS A 436 -22.84 -25.42 30.23
CA LYS A 436 -23.79 -26.47 29.89
C LYS A 436 -23.47 -27.77 30.60
N ARG A 437 -22.38 -27.75 31.36
CA ARG A 437 -21.88 -28.94 32.08
C ARG A 437 -21.72 -30.13 31.13
N LEU A 438 -20.91 -29.93 30.11
CA LEU A 438 -20.57 -30.97 29.15
C LEU A 438 -19.17 -31.53 29.40
N VAL A 439 -19.01 -32.83 29.22
CA VAL A 439 -17.69 -33.44 29.27
C VAL A 439 -17.07 -33.45 27.88
N PRO A 440 -16.00 -32.68 27.69
CA PRO A 440 -15.35 -32.59 26.37
C PRO A 440 -14.79 -33.94 25.91
N ARG A 441 -15.02 -34.28 24.66
CA ARG A 441 -14.44 -35.47 24.09
C ARG A 441 -12.95 -35.34 24.14
N THR A 442 -12.28 -36.45 24.42
CA THR A 442 -10.85 -36.42 24.45
C THR A 442 -10.44 -36.91 23.10
N CYS A 443 -9.79 -36.03 22.36
CA CYS A 443 -9.14 -36.45 21.14
C CYS A 443 -7.64 -36.19 21.26
N ASN A 444 -7.21 -35.74 22.44
CA ASN A 444 -5.82 -35.50 22.78
C ASN A 444 -4.97 -35.02 21.63
N GLY B 30 50.48 28.19 -13.93
CA GLY B 30 49.22 28.43 -13.23
C GLY B 30 48.06 28.75 -14.18
N PRO B 31 48.26 29.61 -15.20
CA PRO B 31 47.16 29.71 -16.16
C PRO B 31 46.98 28.45 -17.01
N ASP B 32 47.96 27.54 -16.97
CA ASP B 32 47.88 26.27 -17.68
C ASP B 32 46.90 25.32 -17.00
N GLN B 33 46.60 25.62 -15.74
CA GLN B 33 45.68 24.80 -14.96
C GLN B 33 44.24 25.25 -15.15
N GLN B 34 43.32 24.51 -14.55
CA GLN B 34 41.90 24.84 -14.57
C GLN B 34 41.45 25.31 -13.19
N PHE B 35 40.94 26.53 -13.10
CA PHE B 35 40.57 27.08 -11.81
C PHE B 35 39.19 26.62 -11.36
N PHE B 36 39.10 26.24 -10.08
CA PHE B 36 37.87 25.77 -9.49
C PHE B 36 37.52 26.66 -8.30
N PRO B 37 36.71 27.70 -8.53
CA PRO B 37 36.34 28.60 -7.42
C PRO B 37 35.54 27.85 -6.37
N LEU B 38 35.74 28.20 -5.10
CA LEU B 38 35.00 27.57 -4.02
C LEU B 38 34.38 28.61 -3.10
N ALA B 39 33.08 28.82 -3.25
CA ALA B 39 32.37 29.74 -2.38
C ALA B 39 31.90 28.97 -1.15
N THR B 40 32.58 29.19 -0.03
CA THR B 40 32.35 28.39 1.17
C THR B 40 32.10 29.26 2.38
N TYR B 41 31.50 28.68 3.42
CA TYR B 41 31.36 29.36 4.69
C TYR B 41 31.89 28.50 5.83
N ARG B 42 32.75 29.08 6.66
CA ARG B 42 33.32 28.37 7.80
C ARG B 42 33.10 29.17 9.08
N VAL B 43 32.27 30.20 8.98
CA VAL B 43 31.93 31.04 10.12
C VAL B 43 30.42 31.19 10.18
N GLY B 44 29.86 31.09 11.38
CA GLY B 44 28.43 31.26 11.55
C GLY B 44 27.74 30.00 12.05
N ALA B 45 26.42 30.07 12.16
CA ALA B 45 25.63 28.99 12.72
C ALA B 45 25.69 27.72 11.85
N TYR B 46 25.76 27.90 10.54
CA TYR B 46 25.74 26.79 9.61
C TYR B 46 27.13 26.27 9.28
N ALA B 47 28.14 26.82 9.95
CA ALA B 47 29.52 26.43 9.69
C ALA B 47 29.75 24.94 9.98
N SER B 48 29.11 24.43 11.02
CA SER B 48 29.20 23.02 11.40
C SER B 48 28.95 22.08 10.22
N SER B 49 27.81 22.29 9.56
CA SER B 49 27.43 21.47 8.42
C SER B 49 28.28 21.79 7.19
N GLY B 50 28.54 23.08 6.99
CA GLY B 50 29.28 23.54 5.81
C GLY B 50 30.63 22.89 5.57
N VAL B 51 31.43 22.75 6.63
CA VAL B 51 32.79 22.21 6.50
C VAL B 51 32.75 20.79 5.94
N GLN B 52 31.67 20.08 6.22
CA GLN B 52 31.52 18.71 5.72
C GLN B 52 31.35 18.71 4.21
N VAL B 53 30.61 19.69 3.70
CA VAL B 53 30.40 19.83 2.25
C VAL B 53 31.69 20.16 1.52
N TRP B 54 32.41 21.19 1.99
CA TRP B 54 33.63 21.63 1.31
C TRP B 54 34.66 20.51 1.28
N ALA B 55 34.79 19.80 2.41
CA ALA B 55 35.71 18.66 2.50
C ALA B 55 35.44 17.65 1.40
N GLY B 56 34.17 17.46 1.08
CA GLY B 56 33.78 16.56 0.00
C GLY B 56 34.28 17.03 -1.35
N ILE B 58 36.73 19.39 -1.85
CA ILE B 58 38.17 19.52 -1.75
C ILE B 58 38.87 18.16 -1.88
N ASP B 59 38.35 17.14 -1.19
CA ASP B 59 38.97 15.82 -1.23
C ASP B 59 38.84 15.16 -2.60
N TYR B 60 37.74 15.43 -3.31
CA TYR B 60 37.57 14.83 -4.62
C TYR B 60 38.41 15.54 -5.67
N LEU B 61 38.58 16.85 -5.52
CA LEU B 61 39.44 17.61 -6.41
C LEU B 61 40.89 17.20 -6.20
N ASN B 62 41.26 17.08 -4.93
CA ASN B 62 42.59 16.62 -4.54
C ASN B 62 42.87 15.24 -5.11
N TYR B 63 41.85 14.38 -5.06
CA TYR B 63 41.94 13.02 -5.57
C TYR B 63 42.24 12.99 -7.07
N ILE B 64 41.52 13.79 -7.83
CA ILE B 64 41.64 13.75 -9.28
C ILE B 64 43.00 14.21 -9.77
N ASN B 65 43.58 15.20 -9.09
CA ASN B 65 44.91 15.67 -9.43
C ASN B 65 45.97 14.61 -9.20
N GLN B 66 46.04 14.14 -7.96
CA GLN B 66 47.10 13.23 -7.53
C GLN B 66 46.96 11.82 -8.10
N VAL B 67 45.75 11.28 -8.07
CA VAL B 67 45.53 9.87 -8.43
C VAL B 67 45.21 9.66 -9.91
N GLU B 68 44.43 10.56 -10.50
CA GLU B 68 44.03 10.38 -11.90
C GLU B 68 44.79 11.31 -12.86
N GLY B 69 45.61 12.20 -12.32
CA GLY B 69 46.42 13.08 -13.12
C GLY B 69 45.69 14.30 -13.66
N GLY B 70 44.61 14.67 -13.00
CA GLY B 70 43.78 15.79 -13.45
C GLY B 70 42.83 15.34 -14.54
N ILE B 71 42.27 16.31 -15.27
CA ILE B 71 41.30 16.00 -16.31
C ILE B 71 41.97 15.95 -17.67
N ASN B 72 42.21 14.72 -18.15
CA ASN B 72 42.96 14.48 -19.38
C ASN B 72 44.28 15.23 -19.42
N GLY B 73 44.95 15.32 -18.27
CA GLY B 73 46.24 15.97 -18.19
C GLY B 73 46.22 17.33 -17.51
N VAL B 74 45.16 18.08 -17.75
CA VAL B 74 45.00 19.40 -17.15
C VAL B 74 44.72 19.29 -15.66
N LYS B 75 45.59 19.87 -14.85
CA LYS B 75 45.44 19.82 -13.39
C LYS B 75 44.46 20.88 -12.89
N LEU B 76 44.03 20.71 -11.64
CA LEU B 76 43.05 21.60 -11.04
C LEU B 76 43.63 22.42 -9.90
N VAL B 77 43.32 23.70 -9.87
CA VAL B 77 43.72 24.55 -8.75
C VAL B 77 42.48 25.19 -8.16
N TRP B 78 42.41 25.24 -6.84
CA TRP B 78 41.25 25.84 -6.18
C TRP B 78 41.64 26.80 -5.07
N GLN B 79 40.68 27.63 -4.69
CA GLN B 79 40.82 28.52 -3.55
C GLN B 79 39.43 28.85 -3.04
N GLU B 80 39.26 28.88 -1.72
CA GLU B 80 37.94 29.17 -1.18
C GLU B 80 37.83 30.61 -0.71
N CYS B 81 36.60 31.13 -0.80
CA CYS B 81 36.29 32.49 -0.39
C CYS B 81 35.18 32.45 0.65
N GLU B 82 35.31 33.25 1.70
CA GLU B 82 34.33 33.22 2.79
C GLU B 82 33.08 34.02 2.44
N THR B 83 31.94 33.33 2.42
CA THR B 83 30.67 33.95 2.04
C THR B 83 29.78 34.21 3.25
N GLU B 84 30.12 33.58 4.37
CA GLU B 84 29.34 33.69 5.61
C GLU B 84 27.86 33.41 5.37
N TRP B 85 27.57 32.60 4.35
CA TRP B 85 26.21 32.17 4.05
C TRP B 85 25.30 33.33 3.62
N THR B 86 25.87 34.49 3.32
CA THR B 86 25.09 35.66 2.92
C THR B 86 25.20 35.96 1.43
N ALA B 87 24.17 36.61 0.91
CA ALA B 87 24.16 37.06 -0.48
C ALA B 87 25.23 38.11 -0.73
N GLU B 88 25.38 39.04 0.20
CA GLU B 88 26.28 40.17 0.04
C GLU B 88 27.72 39.73 -0.18
N LYS B 89 28.18 38.80 0.65
CA LYS B 89 29.55 38.32 0.55
C LYS B 89 29.69 37.27 -0.56
N GLY B 90 28.62 36.50 -0.78
CA GLY B 90 28.57 35.59 -1.91
C GLY B 90 28.81 36.33 -3.21
N ILE B 91 28.19 37.51 -3.32
CA ILE B 91 28.36 38.36 -4.47
C ILE B 91 29.80 38.88 -4.58
N GLU B 92 30.39 39.28 -3.46
CA GLU B 92 31.78 39.74 -3.46
C GLU B 92 32.72 38.62 -3.88
N CYS B 93 32.43 37.40 -3.45
CA CYS B 93 33.25 36.25 -3.80
C CYS B 93 33.22 36.00 -5.30
N TYR B 94 32.02 36.08 -5.88
CA TYR B 94 31.86 35.88 -7.31
C TYR B 94 32.67 36.90 -8.11
N GLU B 95 32.57 38.17 -7.74
CA GLU B 95 33.32 39.21 -8.44
C GLU B 95 34.82 39.03 -8.25
N ARG B 96 35.22 38.41 -7.15
CA ARG B 96 36.64 38.20 -6.88
C ARG B 96 37.18 37.07 -7.76
N PHE B 97 36.34 36.09 -8.05
CA PHE B 97 36.77 34.89 -8.74
C PHE B 97 36.48 34.89 -10.25
N LYS B 98 35.48 35.65 -10.68
CA LYS B 98 34.98 35.54 -12.05
C LYS B 98 36.05 35.76 -13.13
N ASN B 99 37.17 36.37 -12.74
CA ASN B 99 38.24 36.63 -13.70
C ASN B 99 39.39 35.64 -13.58
N GLY B 100 39.22 34.64 -12.72
CA GLY B 100 40.20 33.58 -12.56
C GLY B 100 41.14 33.82 -11.38
N LEU B 101 42.13 32.95 -11.25
CA LEU B 101 43.11 33.05 -10.17
C LEU B 101 44.54 32.88 -10.69
N ASP B 102 45.32 33.95 -10.59
CA ASP B 102 46.71 33.97 -11.04
C ASP B 102 46.87 33.42 -12.46
N GLY B 103 45.93 33.76 -13.33
CA GLY B 103 45.96 33.29 -14.70
C GLY B 103 44.96 32.19 -15.03
N ALA B 104 44.75 31.27 -14.10
CA ALA B 104 43.85 30.13 -14.32
C ALA B 104 42.38 30.55 -14.38
N PRO B 105 41.71 30.25 -15.50
CA PRO B 105 40.34 30.69 -15.81
C PRO B 105 39.22 29.86 -15.15
N VAL B 106 38.03 30.44 -15.09
CA VAL B 106 36.86 29.76 -14.52
C VAL B 106 36.03 29.08 -15.62
N ALA B 107 35.65 27.82 -15.38
CA ALA B 107 34.80 27.11 -16.31
C ALA B 107 33.35 27.10 -15.81
N VAL B 108 33.17 26.79 -14.53
CA VAL B 108 31.84 26.77 -13.91
C VAL B 108 31.91 27.39 -12.53
N TYR B 109 30.77 27.87 -12.04
CA TYR B 109 30.74 28.52 -10.73
C TYR B 109 29.59 28.00 -9.86
N GLN B 110 29.95 27.61 -8.64
CA GLN B 110 28.99 27.09 -7.68
C GLN B 110 28.90 27.96 -6.43
N PRO B 111 27.89 28.83 -6.37
CA PRO B 111 27.77 29.79 -5.26
C PRO B 111 27.51 29.13 -3.90
N ASN B 112 27.01 27.89 -3.89
CA ASN B 112 26.68 27.19 -2.66
C ASN B 112 25.85 28.07 -1.71
N GLY B 113 24.71 28.53 -2.19
CA GLY B 113 23.85 29.43 -1.43
C GLY B 113 22.73 30.02 -2.26
N ALA B 114 21.49 29.80 -1.82
CA ALA B 114 20.32 30.24 -2.57
C ALA B 114 20.21 31.77 -2.73
N PRO B 115 20.37 32.55 -1.64
CA PRO B 115 20.30 34.01 -1.84
C PRO B 115 21.39 34.55 -2.78
N ALA B 116 22.60 34.04 -2.67
CA ALA B 116 23.68 34.44 -3.57
C ALA B 116 23.37 34.02 -5.01
N ALA B 117 22.96 32.77 -5.20
CA ALA B 117 22.69 32.26 -6.53
C ALA B 117 21.60 33.06 -7.23
N TYR B 118 20.54 33.39 -6.48
CA TYR B 118 19.43 34.15 -7.04
C TYR B 118 19.91 35.51 -7.55
N ALA B 119 20.72 36.19 -6.74
CA ALA B 119 21.16 37.55 -7.05
C ALA B 119 22.25 37.59 -8.12
N LEU B 120 22.89 36.46 -8.38
CA LEU B 120 23.99 36.40 -9.34
C LEU B 120 23.56 36.02 -10.75
N SER B 121 22.30 35.58 -10.88
CA SER B 121 21.80 35.04 -12.14
C SER B 121 22.00 35.97 -13.34
N GLU B 122 21.70 37.26 -13.17
CA GLU B 122 21.79 38.19 -14.28
C GLU B 122 23.24 38.56 -14.58
N ARG B 123 24.06 38.72 -13.54
CA ARG B 123 25.49 38.99 -13.75
C ARG B 123 26.15 37.84 -14.50
N ALA B 124 25.81 36.62 -14.11
CA ALA B 124 26.44 35.44 -14.67
C ALA B 124 26.19 35.33 -16.16
N GLU B 125 24.98 35.65 -16.59
CA GLU B 125 24.64 35.56 -18.01
C GLU B 125 25.48 36.55 -18.82
N VAL B 126 25.54 37.80 -18.37
CA VAL B 126 26.39 38.81 -18.99
C VAL B 126 27.86 38.40 -19.03
N ASP B 127 28.35 37.83 -17.92
CA ASP B 127 29.77 37.50 -17.79
C ASP B 127 30.15 36.18 -18.47
N LYS B 128 29.17 35.51 -19.06
CA LYS B 128 29.37 34.19 -19.67
C LYS B 128 29.96 33.18 -18.68
N ILE B 129 29.38 33.13 -17.48
CA ILE B 129 29.83 32.18 -16.47
C ILE B 129 28.66 31.34 -15.96
N PRO B 130 28.66 30.04 -16.28
CA PRO B 130 27.54 29.18 -15.90
C PRO B 130 27.44 28.99 -14.38
N LEU B 131 26.26 29.27 -13.83
CA LEU B 131 26.01 29.05 -12.42
C LEU B 131 25.45 27.66 -12.23
N ILE B 132 26.05 26.91 -11.32
CA ILE B 132 25.54 25.59 -10.95
C ILE B 132 24.92 25.63 -9.56
N THR B 133 23.67 25.21 -9.46
CA THR B 133 22.98 25.08 -8.18
C THR B 133 22.36 23.70 -8.08
N LEU B 134 23.12 22.78 -7.51
CA LEU B 134 22.67 21.39 -7.39
C LEU B 134 21.48 21.27 -6.44
N GLY B 135 20.34 20.88 -6.98
CA GLY B 135 19.16 20.63 -6.15
C GLY B 135 18.49 21.86 -5.54
N TYR B 136 18.74 23.02 -6.12
CA TYR B 136 18.03 24.23 -5.70
C TYR B 136 18.07 25.29 -6.79
N GLY B 137 17.70 26.52 -6.46
CA GLY B 137 17.73 27.61 -7.41
C GLY B 137 16.46 27.74 -8.22
N ARG B 138 16.55 28.42 -9.37
CA ARG B 138 15.40 28.68 -10.22
C ARG B 138 14.97 27.45 -11.02
N THR B 139 13.76 26.97 -10.78
CA THR B 139 13.29 25.79 -11.51
C THR B 139 13.10 26.10 -12.99
N GLU B 140 12.71 27.32 -13.33
CA GLU B 140 12.51 27.69 -14.72
C GLU B 140 13.85 27.80 -15.46
N ALA B 141 14.95 27.75 -14.71
CA ALA B 141 16.27 27.74 -15.34
C ALA B 141 16.56 26.36 -15.92
N THR B 142 15.60 25.44 -15.77
CA THR B 142 15.65 24.18 -16.49
C THR B 142 15.67 24.47 -17.99
N ASP B 143 14.87 25.45 -18.41
CA ASP B 143 14.84 25.87 -19.80
C ASP B 143 16.05 26.74 -20.10
N GLY B 144 17.10 26.11 -20.62
CA GLY B 144 18.33 26.81 -20.92
C GLY B 144 18.24 27.72 -22.12
N THR B 145 17.09 27.75 -22.79
CA THR B 145 16.92 28.66 -23.91
C THR B 145 16.65 30.06 -23.36
N VAL B 146 16.15 30.12 -22.13
CA VAL B 146 15.91 31.39 -21.46
C VAL B 146 17.00 31.67 -20.41
N PHE B 147 17.63 30.60 -19.93
CA PHE B 147 18.68 30.72 -18.92
C PHE B 147 20.00 30.07 -19.36
N PRO B 148 20.69 30.68 -20.33
CA PRO B 148 21.91 30.11 -20.92
C PRO B 148 22.98 29.74 -19.88
N TYR B 149 23.15 30.54 -18.85
CA TYR B 149 24.26 30.33 -17.91
C TYR B 149 23.81 30.05 -16.48
N ASN B 150 22.59 29.52 -16.33
CA ASN B 150 22.06 29.12 -15.04
C ASN B 150 21.62 27.65 -15.06
N PHE B 151 22.19 26.84 -14.18
CA PHE B 151 21.96 25.39 -14.21
C PHE B 151 21.49 24.83 -12.87
N PRO B 152 20.17 24.61 -12.72
CA PRO B 152 19.67 23.90 -11.53
C PRO B 152 19.82 22.39 -11.73
N VAL B 153 21.04 21.90 -11.57
CA VAL B 153 21.40 20.56 -12.00
C VAL B 153 20.79 19.44 -11.15
N LEU B 155 18.31 17.87 -9.85
CA LEU B 155 16.99 17.81 -9.28
C LEU B 155 16.43 19.19 -8.99
N THR B 156 15.30 19.51 -9.60
CA THR B 156 14.57 20.72 -9.26
C THR B 156 13.39 20.36 -8.37
N PHE B 157 12.84 21.35 -7.68
CA PHE B 157 11.72 21.10 -6.77
C PHE B 157 10.47 20.61 -7.51
N TYR B 158 10.36 20.98 -8.79
CA TYR B 158 9.27 20.48 -9.62
C TYR B 158 9.43 18.97 -9.81
N SER B 159 10.61 18.56 -10.25
CA SER B 159 10.93 17.15 -10.40
C SER B 159 10.79 16.38 -9.08
N GLU B 160 11.20 17.02 -7.99
CA GLU B 160 11.15 16.38 -6.67
C GLU B 160 9.71 16.03 -6.32
N ALA B 161 8.79 16.95 -6.57
CA ALA B 161 7.37 16.70 -6.37
C ALA B 161 6.92 15.45 -7.12
N SER B 162 7.35 15.33 -8.37
CA SER B 162 7.00 14.18 -9.19
C SER B 162 7.53 12.87 -8.60
N THR B 163 8.82 12.84 -8.26
CA THR B 163 9.41 11.64 -7.65
C THR B 163 8.74 11.30 -6.32
N LEU B 164 8.41 12.33 -5.54
CA LEU B 164 7.67 12.14 -4.30
C LEU B 164 6.37 11.38 -4.56
N VAL B 165 5.59 11.84 -5.53
CA VAL B 165 4.32 11.22 -5.89
C VAL B 165 4.54 9.83 -6.48
N ASN B 166 5.59 9.69 -7.28
CA ASN B 166 5.89 8.41 -7.89
C ASN B 166 6.29 7.36 -6.85
N TYR B 167 6.98 7.78 -5.80
CA TYR B 167 7.38 6.85 -4.74
C TYR B 167 6.17 6.44 -3.92
N ILE B 168 5.29 7.40 -3.66
CA ILE B 168 4.07 7.11 -2.93
C ILE B 168 3.20 6.15 -3.74
N ALA B 169 3.10 6.39 -5.03
CA ALA B 169 2.37 5.50 -5.94
C ALA B 169 2.93 4.08 -5.87
N GLN B 170 4.25 3.99 -5.79
CA GLN B 170 4.94 2.71 -5.68
C GLN B 170 4.57 2.03 -4.35
N ARG B 171 4.55 2.81 -3.27
CA ARG B 171 4.19 2.31 -1.95
C ARG B 171 2.71 1.94 -1.85
N GLU B 172 1.87 2.56 -2.68
CA GLU B 172 0.43 2.34 -2.62
C GLU B 172 -0.06 1.18 -3.47
N GLY B 173 0.76 0.75 -4.42
CA GLY B 173 0.40 -0.34 -5.30
C GLY B 173 0.10 0.08 -6.73
N GLY B 174 0.34 1.34 -7.05
CA GLY B 174 0.10 1.84 -8.40
C GLY B 174 -0.55 3.20 -8.43
N PHE B 175 -0.42 3.90 -9.56
CA PHE B 175 -0.96 5.24 -9.72
C PHE B 175 -2.47 5.28 -9.57
N ASP B 176 -3.14 4.21 -10.00
CA ASP B 176 -4.59 4.10 -9.88
C ASP B 176 -5.02 4.12 -8.42
N ARG B 177 -4.15 3.64 -7.54
CA ARG B 177 -4.48 3.59 -6.13
C ARG B 177 -4.16 4.91 -5.40
N LEU B 178 -3.85 5.96 -6.16
CA LEU B 178 -3.65 7.28 -5.56
C LEU B 178 -4.97 8.02 -5.42
N LYS B 179 -5.92 7.68 -6.27
CA LYS B 179 -7.30 8.15 -6.13
C LYS B 179 -7.80 7.77 -4.73
N GLY B 180 -8.47 8.71 -4.07
CA GLY B 180 -8.96 8.44 -2.72
C GLY B 180 -7.92 8.58 -1.62
N LYS B 181 -6.70 8.97 -1.99
CA LYS B 181 -5.63 9.16 -1.00
C LYS B 181 -5.50 10.63 -0.64
N LYS B 182 -4.92 10.90 0.53
CA LYS B 182 -4.64 12.27 0.94
C LYS B 182 -3.15 12.47 1.11
N ILE B 183 -2.60 13.49 0.45
CA ILE B 183 -1.20 13.84 0.64
C ILE B 183 -1.08 15.28 1.13
N ALA B 184 -0.55 15.44 2.34
CA ALA B 184 -0.39 16.79 2.89
C ALA B 184 1.04 17.28 2.74
N THR B 185 1.18 18.51 2.26
CA THR B 185 2.48 19.14 2.17
C THR B 185 2.60 20.22 3.24
N LEU B 186 3.50 19.98 4.18
CA LEU B 186 3.82 20.94 5.24
C LEU B 186 5.04 21.74 4.84
N TYR B 187 4.86 23.01 4.47
CA TYR B 187 5.99 23.74 3.89
C TYR B 187 6.30 25.05 4.58
N HIS B 188 7.61 25.30 4.73
CA HIS B 188 8.13 26.58 5.17
C HIS B 188 7.60 27.67 4.26
N ASP B 189 6.95 28.68 4.84
CA ASP B 189 6.32 29.72 4.03
C ASP B 189 7.38 30.64 3.43
N SER B 190 7.88 30.24 2.27
CA SER B 190 8.95 30.95 1.59
C SER B 190 8.95 30.50 0.14
N ALA B 191 9.79 31.13 -0.68
CA ALA B 191 9.90 30.75 -2.09
C ALA B 191 10.21 29.27 -2.20
N TYR B 192 11.14 28.81 -1.37
CA TYR B 192 11.51 27.39 -1.30
C TYR B 192 10.31 26.50 -1.01
N GLY B 193 9.47 26.90 -0.07
CA GLY B 193 8.35 26.08 0.35
C GLY B 193 7.17 26.12 -0.61
N ARG B 194 6.95 27.29 -1.21
CA ARG B 194 5.84 27.48 -2.14
C ARG B 194 6.14 26.92 -3.53
N GLU B 195 7.38 26.48 -3.73
CA GLU B 195 7.82 26.11 -5.08
C GLU B 195 7.10 24.87 -5.60
N THR B 196 6.64 24.00 -4.72
CA THR B 196 5.98 22.77 -5.14
C THR B 196 4.45 22.90 -5.26
N LEU B 197 3.93 24.11 -5.05
CA LEU B 197 2.48 24.35 -5.19
C LEU B 197 2.00 24.00 -6.59
N GLY B 198 2.68 24.55 -7.60
CA GLY B 198 2.38 24.27 -8.99
C GLY B 198 2.34 22.80 -9.39
N PRO B 199 3.46 22.08 -9.25
CA PRO B 199 3.48 20.69 -9.72
C PRO B 199 2.55 19.76 -8.94
N LEU B 200 2.41 19.99 -7.64
CA LEU B 200 1.53 19.15 -6.82
C LEU B 200 0.06 19.33 -7.22
N LYS B 201 -0.30 20.55 -7.60
CA LYS B 201 -1.66 20.82 -8.10
C LYS B 201 -1.93 20.03 -9.37
N LEU B 202 -0.96 20.02 -10.28
CA LEU B 202 -1.06 19.29 -11.54
C LEU B 202 -1.13 17.78 -11.31
N LEU B 203 -0.25 17.26 -10.48
CA LEU B 203 -0.21 15.83 -10.19
C LEU B 203 -1.48 15.36 -9.48
N ALA B 204 -2.08 16.25 -8.68
CA ALA B 204 -3.28 15.91 -7.93
C ALA B 204 -4.49 15.78 -8.85
N GLU B 205 -4.62 16.70 -9.78
CA GLU B 205 -5.76 16.68 -10.70
C GLU B 205 -5.62 15.52 -11.70
N LYS B 206 -4.38 15.09 -11.94
CA LYS B 206 -4.16 13.95 -12.82
C LYS B 206 -4.46 12.62 -12.14
N TYR B 207 -4.02 12.47 -10.89
CA TYR B 207 -4.09 11.18 -10.24
C TYR B 207 -5.19 11.09 -9.19
N GLY B 208 -5.82 12.21 -8.88
CA GLY B 208 -7.01 12.23 -8.07
C GLY B 208 -6.81 12.12 -6.56
N PHE B 209 -5.58 12.27 -6.09
CA PHE B 209 -5.36 12.31 -4.65
C PHE B 209 -5.68 13.72 -4.11
N GLU B 210 -6.06 13.78 -2.85
CA GLU B 210 -6.37 15.05 -2.21
C GLU B 210 -5.05 15.79 -1.90
N ASN B 211 -4.91 16.97 -2.48
CA ASN B 211 -3.72 17.81 -2.32
C ASN B 211 -3.90 18.83 -1.20
N ILE B 212 -3.36 18.51 -0.02
CA ILE B 212 -3.47 19.42 1.12
C ILE B 212 -2.17 20.22 1.31
N GLN B 213 -2.28 21.54 1.23
CA GLN B 213 -1.14 22.44 1.34
C GLN B 213 -1.21 23.22 2.65
N ILE B 214 -0.23 23.01 3.52
CA ILE B 214 -0.24 23.62 4.85
C ILE B 214 1.03 24.43 5.11
N PRO B 215 0.92 25.76 5.12
CA PRO B 215 2.09 26.62 5.32
C PRO B 215 2.57 26.72 6.77
N VAL B 216 3.88 26.90 6.96
CA VAL B 216 4.45 27.16 8.28
C VAL B 216 5.24 28.46 8.24
N ALA B 217 4.79 29.44 8.99
CA ALA B 217 5.43 30.75 9.06
C ALA B 217 6.74 30.73 9.81
N ASP B 218 7.65 31.60 9.40
CA ASP B 218 8.90 31.79 10.09
C ASP B 218 8.68 32.38 11.47
N PRO B 219 9.41 31.90 12.45
CA PRO B 219 10.46 30.91 12.23
C PRO B 219 10.05 29.45 12.29
N GLY B 220 8.83 29.15 12.65
CA GLY B 220 8.39 27.79 12.66
C GLY B 220 8.76 27.03 13.90
N ASN B 221 8.70 27.71 15.03
CA ASN B 221 8.91 27.07 16.32
C ASN B 221 7.62 26.49 16.87
N GLU B 222 6.50 27.03 16.39
CA GLU B 222 5.17 26.63 16.84
C GLU B 222 4.39 26.04 15.66
N GLN B 223 4.01 24.77 15.78
CA GLN B 223 3.33 24.10 14.69
C GLN B 223 2.10 23.33 15.15
N SER B 224 1.56 23.71 16.30
CA SER B 224 0.43 22.99 16.90
C SER B 224 -0.78 22.97 15.98
N ALA B 225 -1.10 24.12 15.37
CA ALA B 225 -2.29 24.23 14.54
C ALA B 225 -2.15 23.33 13.31
N GLN B 226 -0.97 23.35 12.70
CA GLN B 226 -0.70 22.54 11.52
C GLN B 226 -0.90 21.04 11.80
N TRP B 227 -0.30 20.54 12.87
CA TRP B 227 -0.39 19.12 13.16
C TRP B 227 -1.72 18.71 13.77
N ARG B 228 -2.43 19.69 14.34
CA ARG B 228 -3.82 19.47 14.75
C ARG B 228 -4.66 19.23 13.50
N GLN B 229 -4.44 20.04 12.48
CA GLN B 229 -5.14 19.87 11.22
C GLN B 229 -4.80 18.52 10.59
N ILE B 230 -3.52 18.13 10.67
CA ILE B 230 -3.07 16.89 10.08
C ILE B 230 -3.66 15.69 10.81
N ARG B 231 -3.79 15.78 12.13
CA ARG B 231 -4.43 14.69 12.86
C ARG B 231 -5.92 14.62 12.51
N GLN B 232 -6.57 15.77 12.38
CA GLN B 232 -7.98 15.79 12.00
C GLN B 232 -8.20 15.16 10.63
N GLN B 233 -7.41 15.57 9.64
CA GLN B 233 -7.60 15.07 8.29
C GLN B 233 -7.01 13.68 8.07
N ASN B 234 -6.11 13.26 8.97
CA ASN B 234 -5.39 11.98 8.86
C ASN B 234 -4.97 11.63 7.43
N PRO B 235 -4.05 12.42 6.83
CA PRO B 235 -3.58 12.10 5.48
C PRO B 235 -2.74 10.84 5.47
N ASP B 236 -2.64 10.19 4.30
CA ASP B 236 -1.87 8.96 4.17
C ASP B 236 -0.39 9.26 4.23
N TRP B 237 0.00 10.44 3.74
CA TRP B 237 1.41 10.84 3.71
C TRP B 237 1.59 12.32 4.00
N VAL B 238 2.69 12.67 4.67
CA VAL B 238 3.08 14.06 4.81
C VAL B 238 4.39 14.33 4.08
N PHE B 239 4.31 15.21 3.09
CA PHE B 239 5.48 15.68 2.36
C PHE B 239 6.07 16.85 3.17
N LEU B 240 7.21 16.64 3.80
CA LEU B 240 7.77 17.63 4.69
C LEU B 240 8.79 18.54 4.04
N ARG B 241 8.39 19.79 3.90
CA ARG B 241 9.12 20.78 3.13
C ARG B 241 9.48 21.95 4.01
N THR B 242 9.89 21.59 5.21
CA THR B 242 10.49 22.45 6.19
C THR B 242 12.00 22.64 5.99
N TRP B 243 12.55 23.57 6.73
CA TRP B 243 13.97 23.87 6.64
C TRP B 243 14.48 24.50 7.93
N GLY B 244 15.69 24.14 8.32
CA GLY B 244 16.26 24.65 9.55
C GLY B 244 15.49 24.18 10.76
N VAL B 245 15.14 25.12 11.64
CA VAL B 245 14.56 24.79 12.93
C VAL B 245 13.17 24.16 12.80
N SER B 246 12.46 24.49 11.74
CA SER B 246 11.09 24.02 11.60
C SER B 246 11.02 22.52 11.32
N THR B 247 12.15 21.92 10.91
CA THR B 247 12.17 20.50 10.61
C THR B 247 12.17 19.61 11.86
N PRO B 248 13.07 19.86 12.83
CA PRO B 248 12.98 19.00 14.03
C PRO B 248 11.70 19.27 14.83
N VAL B 249 11.25 20.52 14.82
CA VAL B 249 9.99 20.86 15.49
C VAL B 249 8.83 20.12 14.85
N ALA B 250 8.81 20.04 13.51
CA ALA B 250 7.76 19.34 12.81
C ALA B 250 7.69 17.87 13.23
N VAL B 251 8.85 17.22 13.30
CA VAL B 251 8.91 15.81 13.65
C VAL B 251 8.43 15.58 15.08
N LYS B 252 8.88 16.44 16.01
CA LYS B 252 8.50 16.30 17.42
C LYS B 252 7.03 16.63 17.65
N THR B 253 6.49 17.55 16.86
CA THR B 253 5.10 17.91 17.00
C THR B 253 4.24 16.80 16.40
N ALA B 254 4.75 16.17 15.35
CA ALA B 254 4.07 15.02 14.75
C ALA B 254 3.93 13.90 15.78
N ALA B 255 5.02 13.60 16.48
CA ALA B 255 5.00 12.56 17.51
C ALA B 255 4.05 12.93 18.64
N ARG B 256 4.03 14.22 18.99
CA ARG B 256 3.16 14.70 20.05
C ARG B 256 1.69 14.50 19.68
N PHE B 257 1.36 14.74 18.42
CA PHE B 257 0.01 14.55 17.91
C PHE B 257 -0.24 13.12 17.41
N GLY B 258 0.73 12.25 17.57
CA GLY B 258 0.55 10.84 17.27
C GLY B 258 0.44 10.50 15.80
N PHE B 259 0.91 11.39 14.92
CA PHE B 259 0.99 11.05 13.51
C PHE B 259 2.22 10.18 13.29
N PRO B 260 2.05 9.08 12.53
CA PRO B 260 3.15 8.12 12.37
C PRO B 260 4.29 8.68 11.52
N VAL B 261 5.46 8.79 12.15
CA VAL B 261 6.59 9.50 11.56
C VAL B 261 7.12 8.83 10.30
N ASP B 262 6.91 7.53 10.17
CA ASP B 262 7.36 6.85 8.97
C ASP B 262 6.37 7.03 7.82
N HIS B 263 5.35 7.86 8.02
CA HIS B 263 4.50 8.28 6.91
C HIS B 263 4.88 9.70 6.50
N ILE B 264 6.01 10.18 7.03
CA ILE B 264 6.49 11.51 6.70
C ILE B 264 7.72 11.41 5.80
N ILE B 265 7.66 12.08 4.65
CA ILE B 265 8.77 12.08 3.70
C ILE B 265 9.32 13.50 3.57
N GLY B 266 10.57 13.68 3.97
CA GLY B 266 11.16 15.00 3.92
C GLY B 266 11.69 15.40 2.56
N ASP B 267 11.68 16.71 2.32
CA ASP B 267 12.39 17.32 1.20
C ASP B 267 13.88 16.95 1.26
N ILE B 268 14.58 17.06 0.14
CA ILE B 268 16.02 16.77 0.12
C ILE B 268 16.77 17.73 1.04
N TRP B 269 16.20 18.90 1.28
CA TRP B 269 16.80 19.87 2.18
C TRP B 269 16.31 19.68 3.61
N ALA B 270 15.71 18.53 3.86
CA ALA B 270 15.31 18.11 5.20
C ALA B 270 15.71 16.65 5.40
N SER B 271 16.88 16.28 4.89
CA SER B 271 17.27 14.87 4.83
C SER B 271 18.60 14.58 5.53
N SER B 272 19.11 15.53 6.30
CA SER B 272 20.35 15.32 7.03
C SER B 272 20.09 14.73 8.41
N SER B 273 21.12 14.12 9.00
CA SER B 273 21.00 13.63 10.37
C SER B 273 20.85 14.82 11.32
N GLU B 274 21.40 15.95 10.93
CA GLU B 274 21.31 17.17 11.73
C GLU B 274 19.89 17.75 11.75
N ASP B 275 19.10 17.41 10.74
CA ASP B 275 17.72 17.85 10.67
C ASP B 275 16.82 17.05 11.62
N VAL B 276 17.28 15.88 12.04
CA VAL B 276 16.43 14.97 12.80
C VAL B 276 17.00 14.59 14.17
N LEU B 277 18.31 14.70 14.36
CA LEU B 277 18.92 14.45 15.67
C LEU B 277 18.30 15.28 16.81
N PRO B 278 18.01 16.58 16.58
CA PRO B 278 17.37 17.33 17.67
C PRO B 278 15.97 16.83 18.04
N ALA B 279 15.40 15.95 17.23
CA ALA B 279 14.07 15.41 17.51
C ALA B 279 14.11 14.16 18.39
N GLY B 280 15.31 13.61 18.59
CA GLY B 280 15.46 12.41 19.42
C GLY B 280 14.70 11.22 18.88
N ALA B 281 14.27 10.34 19.77
CA ALA B 281 13.61 9.09 19.39
C ALA B 281 12.26 9.32 18.71
N ALA B 282 11.74 10.54 18.79
CA ALA B 282 10.52 10.88 18.08
C ALA B 282 10.70 10.81 16.55
N ALA B 283 11.95 10.76 16.10
CA ALA B 283 12.24 10.77 14.67
C ALA B 283 12.47 9.39 14.07
N LYS B 284 12.33 8.34 14.87
CA LYS B 284 12.54 6.98 14.39
C LYS B 284 11.55 6.59 13.30
N GLY B 285 12.05 6.22 12.13
CA GLY B 285 11.19 5.82 11.02
C GLY B 285 11.04 6.89 9.96
N TYR B 286 11.46 8.11 10.28
CA TYR B 286 11.39 9.25 9.37
C TYR B 286 11.99 8.95 8.00
N LEU B 287 11.24 9.28 6.94
CA LEU B 287 11.72 9.10 5.58
C LEU B 287 12.21 10.43 5.01
N ALA B 288 13.14 10.36 4.06
CA ALA B 288 13.59 11.57 3.36
C ALA B 288 14.08 11.26 1.94
N LEU B 289 13.91 12.22 1.05
CA LEU B 289 14.40 12.12 -0.31
C LEU B 289 15.83 12.63 -0.39
N THR B 290 16.62 12.09 -1.31
CA THR B 290 17.99 12.57 -1.50
C THR B 290 18.53 12.24 -2.89
N PRO B 291 19.28 13.18 -3.48
CA PRO B 291 19.98 12.92 -4.74
C PRO B 291 21.41 12.43 -4.49
N TYR B 292 21.84 12.48 -3.24
CA TYR B 292 23.13 11.98 -2.82
C TYR B 292 23.11 11.28 -1.45
N PRO B 293 22.65 10.05 -1.41
CA PRO B 293 22.44 9.29 -0.17
C PRO B 293 23.68 9.24 0.73
N ALA B 294 23.45 9.28 2.04
CA ALA B 294 24.52 9.11 3.00
C ALA B 294 25.12 7.71 2.88
N GLY B 295 26.42 7.61 3.11
CA GLY B 295 27.12 6.34 3.04
C GLY B 295 28.60 6.51 2.83
N SER B 296 29.37 5.51 3.27
CA SER B 296 30.82 5.53 3.10
C SER B 296 31.26 4.22 2.46
N ASP B 297 30.28 3.45 2.02
CA ASP B 297 30.51 2.14 1.43
C ASP B 297 30.55 2.21 -0.10
N PHE B 298 30.25 3.38 -0.64
CA PHE B 298 30.25 3.57 -2.08
C PHE B 298 31.66 3.38 -2.62
N GLU B 299 31.76 2.87 -3.85
CA GLU B 299 33.02 2.39 -4.39
C GLU B 299 34.03 3.50 -4.65
N ILE B 300 33.61 4.75 -4.48
CA ILE B 300 34.55 5.84 -4.57
C ILE B 300 34.95 6.34 -3.18
N HIS B 301 34.08 6.11 -2.20
CA HIS B 301 34.43 6.44 -0.82
C HIS B 301 35.65 5.65 -0.37
N LYS B 302 35.81 4.45 -0.91
CA LYS B 302 36.91 3.58 -0.55
C LYS B 302 38.21 4.07 -1.18
N ARG B 303 38.12 4.63 -2.39
CA ARG B 303 39.28 5.24 -3.03
C ARG B 303 39.75 6.45 -2.22
N LEU B 304 38.78 7.25 -1.75
CA LEU B 304 39.09 8.40 -0.92
C LEU B 304 39.77 7.96 0.38
N LYS B 305 39.31 6.83 0.91
CA LYS B 305 39.95 6.22 2.08
C LYS B 305 41.40 5.88 1.78
N GLN B 306 41.63 5.18 0.68
CA GLN B 306 42.94 4.66 0.33
C GLN B 306 43.95 5.75 -0.02
N TYR B 307 43.51 6.74 -0.80
CA TYR B 307 44.43 7.75 -1.32
C TYR B 307 44.46 9.07 -0.54
N ILE B 308 43.32 9.46 0.04
CA ILE B 308 43.24 10.77 0.70
C ILE B 308 43.07 10.65 2.22
N LEU B 309 42.16 9.80 2.66
CA LEU B 309 41.82 9.71 4.09
C LEU B 309 42.92 9.05 4.92
N ASP B 310 43.56 8.02 4.36
CA ASP B 310 44.59 7.29 5.10
C ASP B 310 45.92 8.02 5.03
N THR B 311 46.14 8.75 3.95
CA THR B 311 47.41 9.42 3.73
C THR B 311 47.54 10.72 4.55
N GLY B 312 46.45 11.12 5.19
CA GLY B 312 46.50 12.19 6.17
C GLY B 312 46.06 13.58 5.75
N LYS B 313 45.84 13.79 4.45
CA LYS B 313 45.43 15.12 3.98
C LYS B 313 44.00 15.17 3.49
N SER B 314 43.06 15.28 4.41
CA SER B 314 41.67 15.56 4.07
C SER B 314 41.23 16.80 4.84
N ASP B 315 40.24 17.51 4.32
CA ASP B 315 39.81 18.76 4.92
C ASP B 315 38.97 18.53 6.17
N LEU B 316 38.58 17.28 6.41
CA LEU B 316 37.77 16.95 7.58
C LEU B 316 38.58 17.02 8.87
N LYS B 317 38.23 17.98 9.73
CA LYS B 317 38.80 18.04 11.07
C LYS B 317 38.33 16.82 11.85
N ASP B 318 37.07 16.45 11.62
CA ASP B 318 36.46 15.29 12.26
C ASP B 318 36.08 14.23 11.23
N LEU B 319 36.80 13.11 11.24
CA LEU B 319 36.56 12.05 10.26
C LEU B 319 35.30 11.25 10.55
N LYS B 320 34.62 11.57 11.65
CA LYS B 320 33.36 10.91 11.99
C LYS B 320 32.27 11.26 10.99
N ASN B 321 32.44 12.39 10.31
CA ASN B 321 31.45 12.89 9.37
C ASN B 321 31.70 12.42 7.93
N PHE B 322 32.75 11.64 7.74
CA PHE B 322 33.07 11.08 6.43
C PHE B 322 31.92 10.21 5.91
N GLY B 323 31.36 10.61 4.76
CA GLY B 323 30.29 9.85 4.14
C GLY B 323 28.89 10.32 4.47
N SER B 324 28.81 11.33 5.33
CA SER B 324 27.52 11.93 5.67
C SER B 324 26.91 12.59 4.43
N VAL B 325 25.60 12.83 4.47
CA VAL B 325 24.89 13.43 3.34
C VAL B 325 25.53 14.76 2.94
N TYR B 326 26.00 15.52 3.93
CA TYR B 326 26.69 16.78 3.67
C TYR B 326 28.00 16.51 2.93
N TYR B 327 28.73 15.49 3.35
CA TYR B 327 29.99 15.16 2.70
C TYR B 327 29.76 14.68 1.28
N ASN B 328 28.70 13.90 1.08
CA ASN B 328 28.44 13.30 -0.23
C ASN B 328 27.85 14.31 -1.20
N SER B 329 27.23 15.35 -0.68
CA SER B 329 26.74 16.44 -1.52
C SER B 329 27.94 17.13 -2.15
N GLY B 330 29.01 17.26 -1.38
CA GLY B 330 30.27 17.80 -1.88
C GLY B 330 30.87 16.95 -2.99
N LEU B 331 30.82 15.64 -2.81
CA LEU B 331 31.33 14.71 -3.82
C LEU B 331 30.62 14.89 -5.16
N VAL B 332 29.29 14.93 -5.10
CA VAL B 332 28.49 15.00 -6.32
C VAL B 332 28.56 16.40 -6.93
N ASN B 333 28.60 17.42 -6.09
CA ASN B 333 28.75 18.79 -6.57
C ASN B 333 30.06 18.97 -7.35
N ALA B 334 31.14 18.39 -6.83
CA ALA B 334 32.44 18.52 -7.47
C ALA B 334 32.55 17.67 -8.74
N ALA B 335 31.97 16.48 -8.70
CA ALA B 335 32.05 15.55 -9.82
C ALA B 335 31.29 16.07 -11.04
N VAL B 336 30.18 16.75 -10.81
CA VAL B 336 29.37 17.30 -11.89
C VAL B 336 30.16 18.32 -12.69
N ALA B 337 30.81 19.23 -11.99
CA ALA B 337 31.66 20.24 -12.64
C ALA B 337 32.82 19.58 -13.37
N VAL B 338 33.43 18.56 -12.75
CA VAL B 338 34.55 17.85 -13.35
C VAL B 338 34.18 17.18 -14.68
N GLU B 339 33.03 16.50 -14.69
CA GLU B 339 32.58 15.83 -15.90
C GLU B 339 32.16 16.84 -16.98
N ALA B 340 31.65 17.98 -16.54
CA ALA B 340 31.31 19.06 -17.46
C ALA B 340 32.55 19.54 -18.21
N ILE B 341 33.62 19.77 -17.46
CA ILE B 341 34.88 20.21 -18.05
C ILE B 341 35.42 19.14 -19.00
N ARG B 342 35.41 17.91 -18.51
CA ARG B 342 35.87 16.76 -19.28
C ARG B 342 35.10 16.64 -20.59
N THR B 343 33.80 16.84 -20.52
CA THR B 343 32.95 16.76 -21.70
C THR B 343 33.29 17.84 -22.73
N ALA B 344 33.61 19.04 -22.24
CA ALA B 344 33.94 20.15 -23.12
C ALA B 344 35.36 20.00 -23.68
N GLN B 345 36.24 19.39 -22.88
CA GLN B 345 37.60 19.10 -23.33
C GLN B 345 37.60 18.23 -24.59
N GLY B 346 36.57 17.41 -24.74
CA GLY B 346 36.42 16.59 -25.94
C GLY B 346 36.14 17.44 -27.16
N LYS B 347 35.69 18.66 -26.94
CA LYS B 347 35.34 19.57 -28.02
C LYS B 347 36.41 20.63 -28.26
N PHE B 348 37.09 21.03 -27.18
CA PHE B 348 38.02 22.15 -27.27
C PHE B 348 39.45 21.76 -26.88
N GLY B 349 39.69 20.47 -26.70
CA GLY B 349 41.03 19.99 -26.43
C GLY B 349 41.40 19.97 -24.97
N LYS B 350 42.47 19.26 -24.65
CA LYS B 350 42.90 19.09 -23.27
C LYS B 350 43.60 20.36 -22.75
N ARG B 351 42.80 21.37 -22.40
CA ARG B 351 43.33 22.65 -21.96
C ARG B 351 42.33 23.33 -21.01
N PRO B 352 42.79 24.35 -20.27
CA PRO B 352 41.86 25.14 -19.46
C PRO B 352 40.75 25.78 -20.30
N LEU B 353 39.54 25.77 -19.77
CA LEU B 353 38.38 26.26 -20.50
C LEU B 353 37.80 27.51 -19.88
N ASN B 354 37.09 28.31 -20.69
CA ASN B 354 36.39 29.47 -20.19
C ASN B 354 34.93 29.13 -19.91
N GLY B 355 34.16 30.15 -19.54
CA GLY B 355 32.77 29.95 -19.18
C GLY B 355 31.84 29.48 -20.27
N GLU B 356 32.00 29.99 -21.48
CA GLU B 356 31.10 29.58 -22.56
C GLU B 356 31.41 28.15 -23.01
N GLU B 357 32.67 27.74 -22.83
CA GLU B 357 33.03 26.36 -23.11
C GLU B 357 32.50 25.50 -21.98
N GLY B 358 32.53 26.04 -20.76
CA GLY B 358 31.92 25.40 -19.61
C GLY B 358 30.45 25.14 -19.82
N ARG B 359 29.74 26.13 -20.36
CA ARG B 359 28.32 25.97 -20.65
C ARG B 359 28.10 24.85 -21.66
N TRP B 360 28.92 24.83 -22.71
CA TRP B 360 28.82 23.81 -23.74
C TRP B 360 29.01 22.42 -23.16
N GLY B 361 29.97 22.30 -22.25
CA GLY B 361 30.22 21.04 -21.58
C GLY B 361 29.03 20.58 -20.76
N LEU B 362 28.50 21.50 -19.95
CA LEU B 362 27.32 21.22 -19.14
C LEU B 362 26.13 20.80 -19.99
N GLU B 363 25.95 21.47 -21.12
CA GLU B 363 24.81 21.18 -21.98
C GLU B 363 24.99 19.88 -22.78
N HIS B 364 26.19 19.31 -22.74
CA HIS B 364 26.42 18.04 -23.41
C HIS B 364 26.79 16.93 -22.44
N LEU B 365 26.51 17.14 -21.17
CA LEU B 365 26.70 16.10 -20.16
C LEU B 365 25.90 14.86 -20.52
N ASN B 366 26.57 13.71 -20.44
CA ASN B 366 25.93 12.41 -20.68
C ASN B 366 26.61 11.36 -19.82
N ILE B 367 26.24 11.33 -18.54
CA ILE B 367 26.83 10.41 -17.59
C ILE B 367 25.93 9.20 -17.37
N ASP B 368 26.21 8.10 -18.07
CA ASP B 368 25.42 6.89 -17.91
C ASP B 368 25.98 5.99 -16.81
N ASP B 369 25.26 4.92 -16.49
CA ASP B 369 25.68 4.02 -15.42
C ASP B 369 27.02 3.34 -15.76
N ALA B 370 27.29 3.19 -17.05
CA ALA B 370 28.58 2.70 -17.51
C ALA B 370 29.69 3.65 -17.07
N ARG B 371 29.50 4.92 -17.35
CA ARG B 371 30.46 5.96 -16.98
C ARG B 371 30.50 6.14 -15.46
N LEU B 372 29.34 6.01 -14.82
CA LEU B 372 29.25 6.09 -13.36
C LEU B 372 30.08 4.99 -12.70
N LYS B 373 30.12 3.81 -13.32
CA LYS B 373 30.88 2.69 -12.79
C LYS B 373 32.38 3.01 -12.77
N ASP B 374 32.87 3.68 -13.82
CA ASP B 374 34.28 4.01 -13.90
C ASP B 374 34.73 4.96 -12.78
N GLY B 376 33.05 5.62 -10.14
CA GLY B 376 32.68 5.02 -8.88
C GLY B 376 31.50 5.67 -8.17
N TYR B 377 30.59 6.25 -8.94
CA TYR B 377 29.43 6.92 -8.37
C TYR B 377 28.13 6.18 -8.68
N LEU B 378 28.20 4.87 -8.87
CA LEU B 378 27.04 4.11 -9.30
C LEU B 378 25.93 4.10 -8.24
N GLY B 379 26.30 4.09 -6.97
CA GLY B 379 25.31 4.20 -5.90
C GLY B 379 24.96 5.64 -5.53
N LEU B 380 25.94 6.54 -5.64
CA LEU B 380 25.81 7.89 -5.12
C LEU B 380 25.04 8.84 -6.02
N GLN B 382 23.00 9.87 -9.74
CA GLN B 382 22.13 9.37 -10.81
C GLN B 382 22.74 9.63 -12.19
N ASN B 383 22.06 9.14 -13.23
CA ASN B 383 22.39 9.45 -14.60
C ASN B 383 22.03 10.90 -14.94
N LEU B 384 22.94 11.59 -15.64
CA LEU B 384 22.67 12.95 -16.10
C LEU B 384 22.67 13.03 -17.62
N LYS B 385 21.64 13.64 -18.17
CA LYS B 385 21.54 13.86 -19.61
C LYS B 385 21.02 15.26 -19.87
N LEU B 386 21.94 16.22 -19.99
CA LEU B 386 21.54 17.60 -20.19
C LEU B 386 21.52 18.00 -21.65
N SER B 387 20.92 19.14 -21.93
CA SER B 387 20.87 19.70 -23.27
C SER B 387 20.62 21.20 -23.13
N CYS B 388 20.66 21.90 -24.26
CA CYS B 388 20.35 23.33 -24.29
C CYS B 388 18.95 23.56 -23.72
N ARG B 389 18.06 22.63 -24.03
CA ARG B 389 16.67 22.69 -23.62
C ARG B 389 16.46 22.25 -22.16
N ASP B 390 17.38 21.43 -21.64
CA ASP B 390 17.23 20.86 -20.30
C ASP B 390 18.47 21.01 -19.44
N HIS B 391 18.46 22.01 -18.56
CA HIS B 391 19.60 22.28 -17.68
C HIS B 391 19.53 21.53 -16.35
N GLU B 392 18.54 20.65 -16.21
CA GLU B 392 18.43 19.82 -15.01
C GLU B 392 19.13 18.49 -15.23
N GLY B 393 18.67 17.75 -16.23
CA GLY B 393 19.36 16.55 -16.68
C GLY B 393 19.06 15.26 -15.94
N GLY B 394 18.60 15.35 -14.70
CA GLY B 394 18.35 14.16 -13.90
C GLY B 394 16.90 13.98 -13.51
N GLY B 395 16.55 14.46 -12.32
CA GLY B 395 15.17 14.42 -11.86
C GLY B 395 14.81 13.15 -11.10
N ALA B 396 15.80 12.49 -10.51
CA ALA B 396 15.51 11.32 -9.69
C ALA B 396 16.01 11.52 -8.26
N ALA B 397 15.49 10.69 -7.35
CA ALA B 397 15.93 10.72 -5.96
C ALA B 397 15.78 9.35 -5.34
N ARG B 398 16.48 9.14 -4.23
CA ARG B 398 16.34 7.90 -3.47
C ARG B 398 15.71 8.23 -2.13
N VAL B 399 15.03 7.25 -1.55
CA VAL B 399 14.45 7.45 -0.23
C VAL B 399 15.30 6.74 0.81
N GLN B 400 15.59 7.43 1.90
CA GLN B 400 16.33 6.82 2.99
C GLN B 400 15.57 7.00 4.30
N GLN B 401 15.75 6.06 5.22
CA GLN B 401 15.01 6.03 6.46
C GLN B 401 15.90 6.19 7.68
N TRP B 402 15.45 7.02 8.62
CA TRP B 402 16.18 7.31 9.85
C TRP B 402 15.75 6.39 10.99
N ASP B 403 16.71 5.77 11.68
CA ASP B 403 16.35 4.87 12.78
C ASP B 403 16.67 5.46 14.15
N GLY B 404 17.29 6.64 14.15
CA GLY B 404 17.65 7.30 15.39
C GLY B 404 19.13 7.61 15.44
N ALA B 405 19.92 6.86 14.68
CA ALA B 405 21.36 7.06 14.64
C ALA B 405 21.92 7.04 13.22
N ASN B 406 21.25 6.31 12.32
CA ASN B 406 21.73 6.16 10.96
C ASN B 406 20.63 6.17 9.90
N TRP B 407 21.02 6.46 8.67
CA TRP B 407 20.13 6.38 7.53
C TRP B 407 20.22 5.02 6.85
N THR B 408 19.13 4.60 6.23
CA THR B 408 19.09 3.34 5.49
C THR B 408 18.37 3.53 4.17
N LEU B 409 19.04 3.18 3.07
CA LEU B 409 18.40 3.27 1.75
C LEU B 409 17.30 2.22 1.63
N ILE B 410 16.07 2.68 1.39
CA ILE B 410 14.93 1.78 1.25
C ILE B 410 14.29 1.89 -0.13
N SER B 411 15.00 2.51 -1.07
CA SER B 411 14.47 2.64 -2.43
C SER B 411 15.57 2.72 -3.47
N GLU B 412 15.26 2.31 -4.69
CA GLU B 412 16.11 2.56 -5.84
C GLU B 412 15.88 4.00 -6.30
N TRP B 413 16.59 4.41 -7.35
CA TRP B 413 16.34 5.71 -7.94
C TRP B 413 14.91 5.78 -8.47
N ILE B 414 14.15 6.74 -7.95
CA ILE B 414 12.80 7.00 -8.41
C ILE B 414 12.82 8.16 -9.40
N ALA B 415 12.47 7.89 -10.66
CA ALA B 415 12.50 8.91 -11.69
C ALA B 415 11.24 9.79 -11.67
N ALA B 416 11.41 11.08 -11.93
CA ALA B 416 10.28 12.01 -12.06
C ALA B 416 9.68 11.96 -13.46
N ASP B 417 8.41 12.31 -13.57
CA ASP B 417 7.75 12.40 -14.87
C ASP B 417 7.92 13.81 -15.43
N ARG B 418 9.13 14.10 -15.89
CA ARG B 418 9.49 15.44 -16.32
C ARG B 418 8.70 15.89 -17.56
N ALA B 419 8.32 14.94 -18.40
CA ALA B 419 7.53 15.27 -19.59
C ALA B 419 6.18 15.85 -19.17
N LEU B 420 5.58 15.24 -18.15
CA LEU B 420 4.30 15.71 -17.63
C LEU B 420 4.39 17.14 -17.08
N LEU B 421 5.51 17.46 -16.44
CA LEU B 421 5.70 18.77 -15.80
C LEU B 421 6.22 19.85 -16.74
N ARG B 422 6.71 19.46 -17.91
CA ARG B 422 7.35 20.41 -18.83
C ARG B 422 6.51 21.65 -19.21
N PRO B 423 5.18 21.50 -19.38
CA PRO B 423 4.45 22.74 -19.71
C PRO B 423 4.53 23.82 -18.63
N LEU B 424 4.62 23.43 -17.36
CA LEU B 424 4.77 24.40 -16.28
C LEU B 424 6.12 25.10 -16.38
N ILE B 425 7.16 24.30 -16.65
CA ILE B 425 8.50 24.83 -16.88
C ILE B 425 8.49 25.82 -18.05
N ASP B 426 7.96 25.40 -19.20
CA ASP B 426 7.96 26.26 -20.39
C ASP B 426 7.23 27.58 -20.14
N GLU B 427 6.05 27.47 -19.51
CA GLU B 427 5.24 28.63 -19.17
C GLU B 427 6.00 29.61 -18.28
N LYS B 428 6.60 29.09 -17.22
CA LYS B 428 7.31 29.90 -16.25
C LYS B 428 8.50 30.62 -16.90
N ALA B 429 9.31 29.86 -17.63
CA ALA B 429 10.47 30.43 -18.32
C ALA B 429 10.08 31.44 -19.38
N ALA B 430 8.91 31.27 -20.00
CA ALA B 430 8.45 32.19 -21.04
C ALA B 430 8.00 33.50 -20.44
N ALA B 431 7.28 33.43 -19.33
CA ALA B 431 6.87 34.63 -18.60
C ALA B 431 8.10 35.43 -18.18
N PHE B 432 9.12 34.72 -17.70
CA PHE B 432 10.38 35.36 -17.33
C PHE B 432 11.04 36.04 -18.53
N ALA B 433 11.13 35.32 -19.64
CA ALA B 433 11.71 35.85 -20.86
C ALA B 433 10.95 37.10 -21.30
N LYS B 434 9.63 37.07 -21.13
CA LYS B 434 8.78 38.21 -21.47
C LYS B 434 9.08 39.39 -20.57
N GLU B 435 9.09 39.15 -19.26
CA GLU B 435 9.31 40.22 -18.29
C GLU B 435 10.69 40.86 -18.40
N LYS B 436 11.71 40.03 -18.61
CA LYS B 436 13.08 40.53 -18.70
C LYS B 436 13.44 40.93 -20.11
N ARG B 437 12.48 40.74 -21.02
CA ARG B 437 12.68 41.02 -22.45
C ARG B 437 13.95 40.34 -22.98
N LEU B 438 13.97 39.02 -22.86
CA LEU B 438 15.06 38.20 -23.38
C LEU B 438 14.63 37.48 -24.66
N VAL B 439 15.56 37.32 -25.59
CA VAL B 439 15.30 36.50 -26.77
C VAL B 439 15.80 35.10 -26.51
N PRO B 440 14.87 34.12 -26.45
CA PRO B 440 15.27 32.74 -26.16
C PRO B 440 16.18 32.19 -27.26
N ARG B 441 17.21 31.45 -26.86
CA ARG B 441 18.10 30.79 -27.81
C ARG B 441 17.32 29.82 -28.67
N THR B 442 17.74 29.68 -29.92
CA THR B 442 17.16 28.71 -30.83
C THR B 442 17.87 27.37 -30.68
N CYS B 443 17.12 26.36 -30.27
CA CYS B 443 17.65 25.01 -30.25
C CYS B 443 16.67 24.03 -30.87
N ASN B 444 15.85 24.53 -31.80
CA ASN B 444 14.70 23.80 -32.29
C ASN B 444 14.79 22.33 -31.95
#